data_6DDP
#
_entry.id   6DDP
#
_cell.length_a   57.770
_cell.length_b   60.552
_cell.length_c   60.637
_cell.angle_alpha   90.04
_cell.angle_beta   90.02
_cell.angle_gamma   90.03
#
_symmetry.space_group_name_H-M   'P 1'
#
loop_
_entity.id
_entity.type
_entity.pdbx_description
1 polymer 'Dihydrofolate reductase'
2 non-polymer 'NADPH DIHYDRO-NICOTINAMIDE-ADENINE-DINUCLEOTIDE PHOSPHATE'
3 non-polymer "3'-[(2R)-4-(2,4-diamino-6-ethylpyrimidin-5-yl)but-3-yn-2-yl]-5'-methoxy[1,1'-biphenyl]-4-carboxylic acid"
4 water water
#
_entity_poly.entity_id   1
_entity_poly.type   'polypeptide(L)'
_entity_poly.pdbx_seq_one_letter_code
;MVGLIWAQATSGVIGRGGDIPWRLPEDQAHFREITMGHTIVMGRRTWDSLPAKVRPLPGRRNVVLSRQADFMASGAEVVG
SLEEALTSPETWVIGGGQVYALALPYATRCEVTEVDIGLPREAGDALAPVLDETWRGETGEWRFSRSGLRYRLYSYHRS
;
_entity_poly.pdbx_strand_id   A,B,C,D
#
# COMPACT_ATOMS: atom_id res chain seq x y z
N MET A 1 -14.29 7.14 7.82
CA MET A 1 -15.38 6.33 8.38
C MET A 1 -15.41 4.96 7.74
N VAL A 2 -15.22 3.94 8.55
CA VAL A 2 -15.45 2.57 8.10
C VAL A 2 -16.73 2.05 8.73
N GLY A 3 -17.64 1.57 7.89
CA GLY A 3 -18.87 0.96 8.36
C GLY A 3 -18.94 -0.50 7.99
N LEU A 4 -19.62 -1.28 8.83
CA LEU A 4 -19.95 -2.66 8.52
C LEU A 4 -21.43 -2.75 8.20
N ILE A 5 -21.80 -3.52 7.19
CA ILE A 5 -23.21 -3.75 6.94
C ILE A 5 -23.42 -5.25 6.73
N TRP A 6 -24.39 -5.82 7.44
CA TRP A 6 -24.69 -7.24 7.27
C TRP A 6 -26.13 -7.53 7.60
N ALA A 7 -26.60 -8.70 7.15
CA ALA A 7 -27.88 -9.24 7.56
C ALA A 7 -27.63 -10.53 8.29
N GLN A 8 -28.24 -10.70 9.47
CA GLN A 8 -28.06 -11.93 10.23
C GLN A 8 -29.39 -12.50 10.68
N ALA A 9 -29.42 -13.80 10.84
CA ALA A 9 -30.48 -14.44 11.62
C ALA A 9 -30.30 -13.98 13.06
N THR A 10 -31.36 -14.09 13.86
CA THR A 10 -31.22 -13.75 15.28
C THR A 10 -30.07 -14.51 15.93
N SER A 11 -29.84 -15.74 15.48
CA SER A 11 -28.77 -16.59 16.02
C SER A 11 -27.36 -16.03 15.76
N GLY A 12 -27.23 -15.15 14.77
CA GLY A 12 -25.92 -14.63 14.43
C GLY A 12 -25.41 -15.17 13.11
N VAL A 13 -26.05 -16.21 12.59
CA VAL A 13 -25.65 -16.78 11.31
C VAL A 13 -25.84 -15.77 10.16
N ILE A 14 -24.78 -15.56 9.39
CA ILE A 14 -24.85 -14.73 8.19
C ILE A 14 -24.61 -15.52 6.90
N GLY A 15 -24.08 -16.73 7.05
CA GLY A 15 -23.72 -17.53 5.89
C GLY A 15 -23.56 -18.99 6.22
N ARG A 16 -23.89 -19.85 5.25
CA ARG A 16 -23.72 -21.29 5.40
C ARG A 16 -23.54 -21.88 4.02
N GLY A 17 -22.54 -22.74 3.83
CA GLY A 17 -22.31 -23.36 2.54
C GLY A 17 -22.04 -22.37 1.43
N GLY A 18 -21.46 -21.22 1.79
CA GLY A 18 -21.08 -20.22 0.81
C GLY A 18 -22.23 -19.37 0.30
N ASP A 19 -23.39 -19.49 0.92
CA ASP A 19 -24.55 -18.70 0.51
C ASP A 19 -25.20 -18.06 1.74
N ILE A 20 -26.08 -17.09 1.50
CA ILE A 20 -26.90 -16.51 2.56
C ILE A 20 -28.17 -17.33 2.66
N PRO A 21 -28.43 -17.91 3.85
CA PRO A 21 -29.50 -18.92 3.98
C PRO A 21 -30.92 -18.36 4.13
N TRP A 22 -31.22 -17.29 3.40
CA TRP A 22 -32.58 -16.79 3.26
C TRP A 22 -32.68 -15.86 2.07
N ARG A 23 -33.91 -15.52 1.74
CA ARG A 23 -34.22 -14.58 0.68
C ARG A 23 -34.95 -13.40 1.30
N LEU A 24 -34.45 -12.19 1.10
CA LEU A 24 -35.07 -11.01 1.68
C LEU A 24 -34.83 -9.77 0.80
N PRO A 25 -35.67 -9.58 -0.23
CA PRO A 25 -35.51 -8.48 -1.19
C PRO A 25 -35.47 -7.10 -0.56
N GLU A 26 -36.29 -6.88 0.48
CA GLU A 26 -36.31 -5.60 1.16
C GLU A 26 -34.94 -5.27 1.77
N ASP A 27 -34.23 -6.30 2.25
CA ASP A 27 -32.89 -6.08 2.77
C ASP A 27 -31.93 -5.69 1.67
N GLN A 28 -32.07 -6.30 0.50
CA GLN A 28 -31.22 -5.97 -0.64
C GLN A 28 -31.36 -4.50 -1.03
N ALA A 29 -32.58 -3.96 -1.06
CA ALA A 29 -32.77 -2.55 -1.36
C ALA A 29 -32.10 -1.63 -0.32
N HIS A 30 -32.17 -2.06 0.94
CA HIS A 30 -31.58 -1.32 2.05
C HIS A 30 -30.06 -1.29 1.92
N PHE A 31 -29.52 -2.45 1.57
CA PHE A 31 -28.09 -2.61 1.35
C PHE A 31 -27.64 -1.68 0.22
N ARG A 32 -28.45 -1.63 -0.84
CA ARG A 32 -28.11 -0.82 -1.99
C ARG A 32 -28.13 0.65 -1.62
N GLU A 33 -29.12 1.05 -0.81
CA GLU A 33 -29.26 2.43 -0.37
C GLU A 33 -28.08 2.90 0.47
N ILE A 34 -27.59 2.03 1.36
CA ILE A 34 -26.46 2.40 2.19
C ILE A 34 -25.17 2.46 1.38
N THR A 35 -24.98 1.51 0.47
CA THR A 35 -23.67 1.35 -0.15
C THR A 35 -23.47 2.12 -1.47
N MET A 36 -24.56 2.53 -2.10
CA MET A 36 -24.45 3.13 -3.43
C MET A 36 -23.54 4.35 -3.47
N GLY A 37 -22.66 4.38 -4.48
CA GLY A 37 -21.74 5.48 -4.67
C GLY A 37 -20.48 5.43 -3.83
N HIS A 38 -20.32 4.37 -3.04
CA HIS A 38 -19.19 4.27 -2.14
C HIS A 38 -18.26 3.11 -2.46
N THR A 39 -17.12 3.10 -1.77
CA THR A 39 -16.25 1.93 -1.78
C THR A 39 -16.82 0.84 -0.90
N ILE A 40 -16.89 -0.37 -1.45
CA ILE A 40 -17.28 -1.55 -0.67
C ILE A 40 -16.11 -2.52 -0.61
N VAL A 41 -15.91 -3.11 0.57
CA VAL A 41 -14.80 -4.03 0.78
C VAL A 41 -15.34 -5.39 1.17
N MET A 42 -14.82 -6.45 0.57
CA MET A 42 -15.29 -7.80 0.88
C MET A 42 -14.17 -8.82 0.82
N GLY A 43 -14.32 -9.90 1.58
CA GLY A 43 -13.41 -11.03 1.45
C GLY A 43 -13.59 -11.77 0.13
N ARG A 44 -12.54 -12.46 -0.30
CA ARG A 44 -12.59 -13.18 -1.57
C ARG A 44 -13.75 -14.18 -1.66
N ARG A 45 -14.04 -14.86 -0.56
CA ARG A 45 -15.15 -15.83 -0.55
C ARG A 45 -16.50 -15.15 -0.81
N THR A 46 -16.66 -13.93 -0.31
CA THR A 46 -17.89 -13.18 -0.52
C THR A 46 -17.97 -12.71 -1.97
N TRP A 47 -16.83 -12.31 -2.53
CA TRP A 47 -16.79 -11.97 -3.94
C TRP A 47 -17.23 -13.15 -4.80
N ASP A 48 -16.72 -14.35 -4.50
CA ASP A 48 -17.12 -15.55 -5.22
C ASP A 48 -18.63 -15.81 -5.14
N SER A 49 -19.23 -15.50 -4.00
CA SER A 49 -20.65 -15.81 -3.79
C SER A 49 -21.58 -14.88 -4.59
N LEU A 50 -21.05 -13.77 -5.07
CA LEU A 50 -21.84 -12.84 -5.89
C LEU A 50 -22.21 -13.49 -7.22
N PRO A 51 -23.49 -13.43 -7.58
CA PRO A 51 -23.90 -13.86 -8.92
C PRO A 51 -23.16 -13.05 -9.98
N ALA A 52 -22.91 -13.65 -11.13
CA ALA A 52 -22.12 -13.01 -12.18
C ALA A 52 -22.74 -11.72 -12.69
N LYS A 53 -24.06 -11.66 -12.75
CA LYS A 53 -24.75 -10.51 -13.32
C LYS A 53 -24.60 -9.28 -12.44
N VAL A 54 -24.16 -9.50 -11.20
CA VAL A 54 -24.06 -8.42 -10.22
C VAL A 54 -22.63 -8.35 -9.66
N ARG A 55 -21.70 -8.85 -10.46
CA ARG A 55 -20.30 -8.94 -10.07
C ARG A 55 -19.43 -8.29 -11.14
N PRO A 56 -18.87 -7.11 -10.85
CA PRO A 56 -18.89 -6.36 -9.59
C PRO A 56 -20.24 -5.69 -9.33
N LEU A 57 -20.48 -5.28 -8.08
CA LEU A 57 -21.70 -4.56 -7.74
C LEU A 57 -21.62 -3.18 -8.38
N PRO A 58 -22.61 -2.85 -9.21
CA PRO A 58 -22.47 -1.60 -9.97
C PRO A 58 -22.66 -0.36 -9.11
N GLY A 59 -22.07 0.76 -9.54
CA GLY A 59 -22.24 2.00 -8.82
C GLY A 59 -21.42 2.08 -7.54
N ARG A 60 -20.59 1.07 -7.31
CA ARG A 60 -19.76 1.00 -6.11
C ARG A 60 -18.36 0.57 -6.53
N ARG A 61 -17.35 1.08 -5.83
CA ARG A 61 -15.97 0.66 -6.08
C ARG A 61 -15.71 -0.64 -5.32
N ASN A 62 -15.58 -1.74 -6.04
CA ASN A 62 -15.47 -3.07 -5.42
C ASN A 62 -14.04 -3.40 -5.04
N VAL A 63 -13.81 -3.63 -3.75
CA VAL A 63 -12.48 -3.99 -3.27
C VAL A 63 -12.53 -5.37 -2.65
N VAL A 64 -11.64 -6.25 -3.09
CA VAL A 64 -11.64 -7.63 -2.61
C VAL A 64 -10.33 -7.97 -1.95
N LEU A 65 -10.43 -8.51 -0.74
N LEU A 65 -10.43 -8.48 -0.73
CA LEU A 65 -9.27 -8.90 0.04
CA LEU A 65 -9.27 -8.93 0.04
C LEU A 65 -8.92 -10.37 -0.21
C LEU A 65 -8.93 -10.38 -0.26
N SER A 66 -7.67 -10.62 -0.58
CA SER A 66 -7.18 -11.98 -0.81
C SER A 66 -5.71 -12.02 -0.43
N ARG A 67 -5.26 -13.14 0.11
CA ARG A 67 -3.84 -13.28 0.39
C ARG A 67 -3.14 -13.79 -0.84
N GLN A 68 -3.94 -14.19 -1.82
CA GLN A 68 -3.43 -14.63 -3.10
C GLN A 68 -3.00 -13.41 -3.91
N ALA A 69 -1.70 -13.24 -4.09
CA ALA A 69 -1.19 -12.16 -4.93
C ALA A 69 -1.58 -12.41 -6.39
N ASP A 70 -1.90 -13.67 -6.71
CA ASP A 70 -2.29 -14.02 -8.07
C ASP A 70 -3.71 -13.55 -8.43
N PHE A 71 -4.58 -13.41 -7.42
CA PHE A 71 -6.04 -13.43 -7.64
C PHE A 71 -6.56 -12.33 -8.56
N MET A 72 -7.36 -12.76 -9.55
CA MET A 72 -7.92 -11.86 -10.54
C MET A 72 -9.44 -11.81 -10.42
N ALA A 73 -9.99 -10.61 -10.55
CA ALA A 73 -11.42 -10.43 -10.44
C ALA A 73 -11.83 -9.22 -11.27
N SER A 74 -12.47 -9.47 -12.40
CA SER A 74 -12.88 -8.38 -13.29
C SER A 74 -13.81 -7.41 -12.58
N GLY A 75 -13.42 -6.14 -12.57
CA GLY A 75 -14.23 -5.10 -11.97
C GLY A 75 -13.91 -4.84 -10.52
N ALA A 76 -12.97 -5.58 -9.97
CA ALA A 76 -12.61 -5.42 -8.57
C ALA A 76 -11.15 -5.07 -8.38
N GLU A 77 -10.90 -4.28 -7.35
CA GLU A 77 -9.55 -4.01 -6.91
C GLU A 77 -9.15 -5.09 -5.91
N VAL A 78 -8.26 -6.00 -6.31
CA VAL A 78 -7.79 -7.03 -5.39
C VAL A 78 -6.64 -6.46 -4.59
N VAL A 79 -6.76 -6.55 -3.27
CA VAL A 79 -5.72 -6.08 -2.36
C VAL A 79 -5.35 -7.20 -1.38
N GLY A 80 -4.13 -7.15 -0.87
CA GLY A 80 -3.62 -8.21 -0.02
C GLY A 80 -3.59 -7.89 1.46
N SER A 81 -4.01 -6.68 1.82
CA SER A 81 -4.05 -6.30 3.23
C SER A 81 -5.19 -5.33 3.54
N LEU A 82 -5.63 -5.31 4.80
CA LEU A 82 -6.76 -4.48 5.19
C LEU A 82 -6.42 -2.99 5.05
N GLU A 83 -5.19 -2.62 5.39
CA GLU A 83 -4.75 -1.24 5.23
C GLU A 83 -4.95 -0.74 3.80
N GLU A 84 -4.63 -1.60 2.84
CA GLU A 84 -4.79 -1.28 1.43
C GLU A 84 -6.27 -1.16 1.06
N ALA A 85 -7.12 -1.82 1.83
CA ALA A 85 -8.54 -1.88 1.49
C ALA A 85 -9.34 -0.71 2.08
N LEU A 86 -8.82 -0.08 3.14
CA LEU A 86 -9.63 0.92 3.84
C LEU A 86 -9.23 2.37 3.56
N THR A 87 -8.69 2.62 2.37
CA THR A 87 -8.14 3.93 2.06
C THR A 87 -9.19 4.96 1.63
N SER A 88 -10.45 4.56 1.51
CA SER A 88 -11.51 5.52 1.21
C SER A 88 -12.16 6.06 2.48
N PRO A 89 -12.34 7.40 2.55
CA PRO A 89 -13.04 8.14 3.61
C PRO A 89 -14.35 7.51 4.08
N GLU A 90 -15.21 7.10 3.15
CA GLU A 90 -16.39 6.32 3.51
C GLU A 90 -16.28 4.96 2.87
N THR A 91 -16.10 3.94 3.70
CA THR A 91 -15.91 2.59 3.22
C THR A 91 -16.91 1.70 3.91
N TRP A 92 -17.61 0.89 3.13
CA TRP A 92 -18.54 -0.10 3.69
C TRP A 92 -18.00 -1.52 3.52
N VAL A 93 -17.81 -2.20 4.65
CA VAL A 93 -17.39 -3.60 4.63
C VAL A 93 -18.64 -4.46 4.56
N ILE A 94 -18.71 -5.30 3.52
CA ILE A 94 -19.96 -5.99 3.21
C ILE A 94 -19.86 -7.51 3.36
N GLY A 95 -18.78 -7.97 3.99
CA GLY A 95 -18.67 -9.38 4.33
C GLY A 95 -17.36 -10.00 3.91
N GLY A 96 -17.11 -11.24 4.31
CA GLY A 96 -18.02 -12.04 5.13
C GLY A 96 -17.53 -12.13 6.57
N GLY A 97 -17.70 -13.30 7.18
CA GLY A 97 -17.36 -13.47 8.58
C GLY A 97 -15.95 -13.09 8.94
N GLN A 98 -14.97 -13.57 8.18
CA GLN A 98 -13.57 -13.27 8.46
C GLN A 98 -13.32 -11.78 8.37
N VAL A 99 -13.85 -11.15 7.33
CA VAL A 99 -13.49 -9.77 7.09
C VAL A 99 -14.23 -8.81 8.04
N TYR A 100 -15.46 -9.13 8.45
CA TYR A 100 -16.10 -8.36 9.52
C TYR A 100 -15.24 -8.36 10.76
N ALA A 101 -14.68 -9.52 11.11
CA ALA A 101 -13.85 -9.62 12.31
C ALA A 101 -12.59 -8.78 12.18
N LEU A 102 -11.97 -8.85 11.01
CA LEU A 102 -10.76 -8.08 10.71
C LEU A 102 -11.02 -6.58 10.75
N ALA A 103 -12.17 -6.14 10.24
CA ALA A 103 -12.42 -4.71 10.08
C ALA A 103 -13.11 -4.08 11.29
N LEU A 104 -13.69 -4.91 12.16
CA LEU A 104 -14.46 -4.39 13.28
C LEU A 104 -13.74 -3.31 14.12
N PRO A 105 -12.45 -3.50 14.47
CA PRO A 105 -11.80 -2.45 15.26
C PRO A 105 -11.70 -1.08 14.55
N TYR A 106 -11.77 -1.09 13.22
CA TYR A 106 -11.67 0.10 12.39
C TYR A 106 -13.02 0.78 12.22
N ALA A 107 -14.08 0.08 12.60
CA ALA A 107 -15.44 0.53 12.30
C ALA A 107 -16.03 1.44 13.37
N THR A 108 -16.77 2.46 12.91
CA THR A 108 -17.52 3.36 13.79
C THR A 108 -19.01 3.37 13.47
N ARG A 109 -19.41 2.59 12.47
CA ARG A 109 -20.83 2.42 12.16
C ARG A 109 -21.09 0.97 11.81
N CYS A 110 -22.23 0.44 12.23
CA CYS A 110 -22.75 -0.82 11.71
C CYS A 110 -24.20 -0.63 11.29
N GLU A 111 -24.55 -1.19 10.15
CA GLU A 111 -25.94 -1.20 9.71
C GLU A 111 -26.34 -2.67 9.64
N VAL A 112 -27.21 -3.08 10.56
CA VAL A 112 -27.54 -4.49 10.74
C VAL A 112 -29.01 -4.76 10.39
N THR A 113 -29.23 -5.79 9.61
CA THR A 113 -30.58 -6.36 9.43
C THR A 113 -30.71 -7.63 10.22
N GLU A 114 -31.72 -7.71 11.09
CA GLU A 114 -31.98 -8.94 11.83
C GLU A 114 -33.15 -9.66 11.16
N VAL A 115 -32.96 -10.93 10.85
CA VAL A 115 -33.96 -11.74 10.17
C VAL A 115 -34.50 -12.74 11.18
N ASP A 116 -35.82 -12.70 11.40
CA ASP A 116 -36.44 -13.54 12.41
C ASP A 116 -36.73 -14.92 11.86
N ILE A 117 -35.68 -15.70 11.68
CA ILE A 117 -35.81 -17.05 11.18
C ILE A 117 -35.15 -18.01 12.12
N GLY A 118 -35.75 -19.20 12.22
CA GLY A 118 -35.18 -20.25 13.05
C GLY A 118 -34.00 -20.85 12.32
N LEU A 119 -32.81 -20.55 12.82
CA LEU A 119 -31.58 -20.99 12.17
C LEU A 119 -30.46 -21.11 13.20
N PRO A 120 -30.52 -22.13 14.07
CA PRO A 120 -29.46 -22.27 15.05
C PRO A 120 -28.09 -22.44 14.40
N ARG A 121 -27.08 -21.88 15.05
CA ARG A 121 -25.70 -21.96 14.59
C ARG A 121 -25.24 -23.40 14.40
N GLU A 122 -24.50 -23.63 13.32
CA GLU A 122 -23.82 -24.90 13.10
C GLU A 122 -22.33 -24.62 12.94
N ALA A 123 -21.50 -25.58 13.34
CA ALA A 123 -20.06 -25.39 13.25
C ALA A 123 -19.65 -25.08 11.81
N GLY A 124 -18.78 -24.09 11.65
CA GLY A 124 -18.34 -23.68 10.33
C GLY A 124 -19.17 -22.59 9.66
N ASP A 125 -20.29 -22.20 10.28
CA ASP A 125 -21.10 -21.09 9.77
C ASP A 125 -20.28 -19.82 9.73
N ALA A 126 -20.63 -18.93 8.81
CA ALA A 126 -20.16 -17.56 8.91
C ALA A 126 -21.07 -16.84 9.87
N LEU A 127 -20.48 -16.09 10.80
CA LEU A 127 -21.21 -15.42 11.87
C LEU A 127 -20.99 -13.91 11.85
N ALA A 128 -22.00 -13.19 12.29
CA ALA A 128 -21.88 -11.77 12.49
C ALA A 128 -20.94 -11.48 13.67
N PRO A 129 -20.25 -10.34 13.62
CA PRO A 129 -19.48 -9.93 14.79
C PRO A 129 -20.38 -9.52 15.93
N VAL A 130 -19.84 -9.59 17.14
CA VAL A 130 -20.55 -9.18 18.33
C VAL A 130 -20.27 -7.72 18.63
N LEU A 131 -21.34 -6.94 18.81
CA LEU A 131 -21.17 -5.54 19.15
C LEU A 131 -21.19 -5.37 20.67
N ASP A 132 -20.09 -4.88 21.21
CA ASP A 132 -19.98 -4.73 22.65
C ASP A 132 -20.48 -3.37 23.13
N GLU A 133 -20.15 -3.07 24.37
N GLU A 133 -20.20 -3.04 24.38
CA GLU A 133 -20.66 -1.91 25.08
CA GLU A 133 -20.80 -1.86 24.99
C GLU A 133 -20.07 -0.57 24.63
C GLU A 133 -20.24 -0.54 24.46
N THR A 134 -19.18 -0.60 23.64
CA THR A 134 -18.67 0.66 23.07
C THR A 134 -19.64 1.24 22.06
N TRP A 135 -20.60 0.43 21.61
CA TRP A 135 -21.54 0.85 20.59
C TRP A 135 -22.82 1.42 21.18
N ARG A 136 -23.38 2.40 20.49
CA ARG A 136 -24.71 2.90 20.80
C ARG A 136 -25.62 2.50 19.63
N GLY A 137 -26.81 1.99 19.95
CA GLY A 137 -27.66 1.46 18.92
C GLY A 137 -29.07 2.03 18.93
N GLU A 138 -29.66 2.12 17.75
CA GLU A 138 -31.07 2.41 17.63
C GLU A 138 -31.72 1.23 16.94
N THR A 139 -32.80 0.75 17.52
CA THR A 139 -33.49 -0.43 17.01
C THR A 139 -34.75 -0.03 16.26
N GLY A 140 -34.85 -0.49 15.01
CA GLY A 140 -35.98 -0.16 14.17
C GLY A 140 -37.18 -1.04 14.48
N GLU A 141 -38.34 -0.64 13.98
CA GLU A 141 -39.56 -1.42 14.16
C GLU A 141 -39.55 -2.66 13.27
N TRP A 142 -40.13 -3.74 13.78
CA TRP A 142 -40.23 -4.95 12.97
C TRP A 142 -41.04 -4.73 11.71
N ARG A 143 -40.52 -5.21 10.58
CA ARG A 143 -41.21 -5.14 9.30
C ARG A 143 -41.53 -6.57 8.85
N PHE A 144 -42.58 -6.76 8.05
CA PHE A 144 -42.86 -8.09 7.49
C PHE A 144 -42.51 -8.09 6.01
N SER A 145 -41.73 -9.07 5.57
CA SER A 145 -41.29 -9.17 4.17
C SER A 145 -42.47 -9.43 3.22
N ARG A 146 -42.19 -9.74 1.95
CA ARG A 146 -43.25 -10.01 0.96
C ARG A 146 -44.32 -10.96 1.53
N SER A 147 -44.05 -12.19 2.00
CA SER A 147 -42.95 -13.18 1.77
C SER A 147 -43.12 -14.16 2.90
N GLY A 148 -42.84 -13.67 4.11
CA GLY A 148 -43.14 -14.41 5.31
C GLY A 148 -42.15 -14.19 6.43
N LEU A 149 -41.12 -13.40 6.17
CA LEU A 149 -40.05 -13.21 7.13
C LEU A 149 -40.19 -11.87 7.85
N ARG A 150 -40.20 -11.93 9.18
CA ARG A 150 -40.13 -10.73 9.98
C ARG A 150 -38.67 -10.27 10.02
N TYR A 151 -38.44 -8.97 9.91
CA TYR A 151 -37.07 -8.43 9.95
C TYR A 151 -37.07 -7.02 10.51
N ARG A 152 -35.93 -6.58 11.02
CA ARG A 152 -35.82 -5.21 11.49
C ARG A 152 -34.39 -4.70 11.30
N LEU A 153 -34.27 -3.37 11.24
CA LEU A 153 -32.98 -2.73 11.03
C LEU A 153 -32.42 -2.08 12.29
N TYR A 154 -31.13 -2.28 12.52
CA TYR A 154 -30.41 -1.55 13.56
C TYR A 154 -29.40 -0.60 12.95
N SER A 155 -29.23 0.56 13.57
CA SER A 155 -28.12 1.42 13.22
C SER A 155 -27.25 1.58 14.47
N TYR A 156 -25.99 1.18 14.38
CA TYR A 156 -25.07 1.32 15.49
C TYR A 156 -23.98 2.35 15.19
N HIS A 157 -23.58 3.10 16.22
CA HIS A 157 -22.54 4.10 16.09
C HIS A 157 -21.58 4.04 17.27
N ARG A 158 -20.34 4.41 17.04
CA ARG A 158 -19.43 4.74 18.12
C ARG A 158 -18.49 5.80 17.56
N SER A 159 -18.05 6.74 18.40
CA SER A 159 -17.28 7.87 17.88
C SER A 159 -15.81 7.77 18.24
N MET B 1 -1.36 6.16 -5.89
CA MET B 1 -2.29 6.77 -6.83
C MET B 1 -2.16 6.14 -8.21
N VAL B 2 -3.24 5.52 -8.67
CA VAL B 2 -3.30 5.08 -10.05
C VAL B 2 -4.28 5.97 -10.80
N GLY B 3 -3.82 6.56 -11.90
CA GLY B 3 -4.66 7.39 -12.74
C GLY B 3 -4.82 6.78 -14.12
N LEU B 4 -5.97 7.02 -14.73
CA LEU B 4 -6.18 6.68 -16.12
C LEU B 4 -6.18 7.97 -16.92
N ILE B 5 -5.54 7.95 -18.09
CA ILE B 5 -5.63 9.10 -18.98
C ILE B 5 -5.95 8.62 -20.39
N TRP B 6 -6.95 9.22 -21.01
CA TRP B 6 -7.33 8.86 -22.37
C TRP B 6 -7.99 10.02 -23.09
N ALA B 7 -8.05 9.88 -24.41
CA ALA B 7 -8.80 10.78 -25.28
C ALA B 7 -9.87 9.96 -25.98
N GLN B 8 -11.12 10.40 -25.92
CA GLN B 8 -12.22 9.68 -26.58
C GLN B 8 -13.06 10.61 -27.45
N ALA B 9 -13.62 10.04 -28.50
CA ALA B 9 -14.75 10.67 -29.16
C ALA B 9 -15.90 10.71 -28.17
N THR B 10 -16.88 11.59 -28.41
CA THR B 10 -18.04 11.63 -27.54
C THR B 10 -18.69 10.24 -27.43
N SER B 11 -18.61 9.48 -28.52
CA SER B 11 -19.21 8.16 -28.59
C SER B 11 -18.58 7.14 -27.63
N GLY B 12 -17.35 7.43 -27.19
CA GLY B 12 -16.61 6.51 -26.34
C GLY B 12 -15.47 5.83 -27.07
N VAL B 13 -15.45 5.92 -28.40
CA VAL B 13 -14.39 5.30 -29.17
C VAL B 13 -13.04 5.94 -28.85
N ILE B 14 -12.04 5.10 -28.54
CA ILE B 14 -10.68 5.57 -28.31
C ILE B 14 -9.70 5.01 -29.36
N GLY B 15 -10.12 3.97 -30.08
CA GLY B 15 -9.24 3.27 -30.97
C GLY B 15 -9.99 2.48 -32.02
N ARG B 16 -9.43 2.41 -33.23
CA ARG B 16 -10.01 1.61 -34.31
C ARG B 16 -8.89 1.20 -35.26
N GLY B 17 -8.84 -0.08 -35.61
CA GLY B 17 -7.80 -0.58 -36.51
C GLY B 17 -6.39 -0.36 -36.00
N GLY B 18 -6.24 -0.31 -34.69
CA GLY B 18 -4.92 -0.18 -34.07
C GLY B 18 -4.37 1.22 -34.03
N ASP B 19 -5.22 2.19 -34.36
N ASP B 19 -5.19 2.21 -34.38
CA ASP B 19 -4.83 3.59 -34.38
CA ASP B 19 -4.75 3.60 -34.33
C ASP B 19 -5.81 4.44 -33.57
C ASP B 19 -5.83 4.47 -33.67
N ILE B 20 -5.45 5.69 -33.31
CA ILE B 20 -6.37 6.65 -32.74
C ILE B 20 -6.98 7.42 -33.91
N PRO B 21 -8.32 7.34 -34.05
CA PRO B 21 -8.95 7.85 -35.28
C PRO B 21 -9.18 9.37 -35.34
N TRP B 22 -8.21 10.16 -34.88
CA TRP B 22 -8.24 11.61 -35.10
C TRP B 22 -6.89 12.26 -34.90
N ARG B 23 -6.81 13.53 -35.29
CA ARG B 23 -5.61 14.36 -35.13
C ARG B 23 -5.86 15.45 -34.10
N LEU B 24 -5.07 15.45 -33.02
CA LEU B 24 -5.26 16.45 -31.97
C LEU B 24 -3.97 16.74 -31.21
N PRO B 25 -3.09 17.59 -31.78
CA PRO B 25 -1.81 17.95 -31.19
C PRO B 25 -1.93 18.51 -29.77
N GLU B 26 -2.94 19.33 -29.51
CA GLU B 26 -3.12 19.94 -28.20
C GLU B 26 -3.34 18.88 -27.12
N ASP B 27 -4.00 17.79 -27.47
CA ASP B 27 -4.20 16.71 -26.52
C ASP B 27 -2.87 16.03 -26.20
N GLN B 28 -2.02 15.89 -27.21
CA GLN B 28 -0.70 15.29 -26.99
C GLN B 28 0.11 16.10 -25.97
N ALA B 29 0.02 17.42 -26.04
CA ALA B 29 0.73 18.26 -25.08
C ALA B 29 0.19 18.09 -23.66
N HIS B 30 -1.13 17.95 -23.57
CA HIS B 30 -1.80 17.71 -22.30
C HIS B 30 -1.37 16.37 -21.71
N PHE B 31 -1.32 15.36 -22.57
CA PHE B 31 -0.90 14.03 -22.19
C PHE B 31 0.51 14.06 -21.61
N ARG B 32 1.39 14.78 -22.30
CA ARG B 32 2.77 14.85 -21.88
C ARG B 32 2.87 15.57 -20.55
N GLU B 33 2.10 16.65 -20.38
CA GLU B 33 2.14 17.39 -19.12
C GLU B 33 1.70 16.54 -17.94
N ILE B 34 0.70 15.69 -18.14
CA ILE B 34 0.24 14.84 -17.05
C ILE B 34 1.24 13.72 -16.75
N THR B 35 1.80 13.13 -17.79
CA THR B 35 2.56 11.90 -17.60
C THR B 35 4.06 12.07 -17.36
N MET B 36 4.61 13.23 -17.73
CA MET B 36 6.06 13.42 -17.69
C MET B 36 6.65 13.17 -16.31
N GLY B 37 7.74 12.39 -16.28
CA GLY B 37 8.42 12.09 -15.04
C GLY B 37 7.83 10.94 -14.24
N HIS B 38 6.77 10.33 -14.75
CA HIS B 38 6.09 9.26 -14.01
C HIS B 38 6.19 7.91 -14.69
N THR B 39 5.77 6.87 -13.98
CA THR B 39 5.58 5.57 -14.58
C THR B 39 4.29 5.58 -15.41
N ILE B 40 4.39 5.10 -16.65
CA ILE B 40 3.20 4.91 -17.50
C ILE B 40 3.04 3.43 -17.79
N VAL B 41 1.79 2.96 -17.76
CA VAL B 41 1.47 1.56 -17.97
C VAL B 41 0.57 1.43 -19.18
N MET B 42 0.88 0.49 -20.06
CA MET B 42 0.10 0.29 -21.29
C MET B 42 0.02 -1.17 -21.70
N GLY B 43 -1.06 -1.53 -22.39
CA GLY B 43 -1.16 -2.85 -22.96
C GLY B 43 -0.22 -3.04 -24.12
N ARG B 44 0.12 -4.30 -24.42
CA ARG B 44 1.04 -4.59 -25.51
C ARG B 44 0.58 -4.00 -26.86
N ARG B 45 -0.71 -4.04 -27.14
CA ARG B 45 -1.19 -3.50 -28.41
C ARG B 45 -0.96 -1.99 -28.49
N THR B 46 -1.08 -1.31 -27.36
CA THR B 46 -0.85 0.14 -27.33
C THR B 46 0.63 0.42 -27.52
N TRP B 47 1.48 -0.40 -26.93
CA TRP B 47 2.92 -0.27 -27.14
C TRP B 47 3.25 -0.40 -28.62
N ASP B 48 2.68 -1.41 -29.28
CA ASP B 48 2.88 -1.60 -30.72
C ASP B 48 2.46 -0.37 -31.55
N SER B 49 1.44 0.34 -31.08
CA SER B 49 0.86 1.44 -31.85
C SER B 49 1.73 2.70 -31.80
N LEU B 50 2.65 2.73 -30.86
CA LEU B 50 3.54 3.88 -30.71
C LEU B 50 4.48 3.99 -31.89
N PRO B 51 4.62 5.20 -32.44
CA PRO B 51 5.65 5.45 -33.45
C PRO B 51 7.01 5.09 -32.88
N ALA B 52 7.86 4.47 -33.69
CA ALA B 52 9.19 4.04 -33.25
C ALA B 52 9.99 5.20 -32.67
N LYS B 53 9.79 6.39 -33.23
CA LYS B 53 10.53 7.58 -32.82
C LYS B 53 10.26 7.99 -31.37
N VAL B 54 9.08 7.63 -30.87
CA VAL B 54 8.70 7.98 -29.49
C VAL B 54 8.44 6.73 -28.65
N ARG B 55 9.12 5.65 -29.00
CA ARG B 55 8.95 4.36 -28.34
C ARG B 55 10.31 3.86 -27.83
N PRO B 56 10.54 3.89 -26.50
CA PRO B 56 9.63 4.24 -25.41
C PRO B 56 9.36 5.74 -25.33
N LEU B 57 8.28 6.13 -24.66
CA LEU B 57 8.02 7.55 -24.46
C LEU B 57 9.07 8.12 -23.51
N PRO B 58 9.79 9.14 -23.96
CA PRO B 58 10.91 9.62 -23.15
C PRO B 58 10.48 10.32 -21.87
N GLY B 59 11.33 10.26 -20.85
CA GLY B 59 11.06 11.02 -19.64
C GLY B 59 10.05 10.33 -18.76
N ARG B 60 9.66 9.11 -19.15
CA ARG B 60 8.66 8.31 -18.42
C ARG B 60 9.14 6.88 -18.34
N ARG B 61 8.84 6.20 -17.23
CA ARG B 61 9.19 4.78 -17.09
C ARG B 61 8.09 3.96 -17.79
N ASN B 62 8.41 3.35 -18.93
CA ASN B 62 7.40 2.67 -19.74
C ASN B 62 7.21 1.25 -19.26
N VAL B 63 5.98 0.89 -18.89
CA VAL B 63 5.66 -0.47 -18.46
C VAL B 63 4.62 -1.06 -19.39
N VAL B 64 4.91 -2.25 -19.91
CA VAL B 64 4.02 -2.88 -20.88
C VAL B 64 3.51 -4.21 -20.35
N LEU B 65 2.18 -4.34 -20.34
N LEU B 65 2.19 -4.35 -20.38
CA LEU B 65 1.50 -5.57 -19.96
CA LEU B 65 1.52 -5.56 -19.94
C LEU B 65 1.39 -6.54 -21.13
C LEU B 65 1.34 -6.54 -21.10
N SER B 66 1.87 -7.76 -20.93
CA SER B 66 1.72 -8.80 -21.94
C SER B 66 1.60 -10.15 -21.24
N ARG B 67 0.91 -11.10 -21.87
CA ARG B 67 0.84 -12.44 -21.29
C ARG B 67 1.94 -13.33 -21.83
N GLN B 68 2.66 -12.83 -22.83
CA GLN B 68 3.81 -13.54 -23.37
C GLN B 68 5.00 -13.35 -22.44
N ALA B 69 5.47 -14.45 -21.86
CA ALA B 69 6.62 -14.41 -20.96
C ALA B 69 7.85 -13.92 -21.70
N ASP B 70 7.93 -14.24 -22.99
CA ASP B 70 9.11 -13.92 -23.78
C ASP B 70 9.13 -12.49 -24.32
N PHE B 71 7.95 -11.89 -24.50
CA PHE B 71 7.82 -10.60 -25.18
C PHE B 71 8.76 -9.55 -24.59
N MET B 72 9.59 -8.98 -25.44
CA MET B 72 10.50 -7.94 -24.98
C MET B 72 10.40 -6.74 -25.91
N ALA B 73 10.64 -5.57 -25.32
CA ALA B 73 10.44 -4.31 -25.99
C ALA B 73 11.49 -3.35 -25.49
N SER B 74 12.32 -2.84 -26.40
CA SER B 74 13.44 -2.00 -25.99
C SER B 74 12.97 -0.74 -25.29
N GLY B 75 13.49 -0.49 -24.10
CA GLY B 75 13.13 0.69 -23.35
C GLY B 75 11.93 0.53 -22.44
N ALA B 76 11.32 -0.65 -22.43
CA ALA B 76 10.17 -0.88 -21.59
C ALA B 76 10.32 -2.07 -20.65
N GLU B 77 9.66 -1.96 -19.51
CA GLU B 77 9.55 -3.06 -18.57
C GLU B 77 8.35 -3.91 -18.97
N VAL B 78 8.58 -5.13 -19.43
CA VAL B 78 7.48 -6.02 -19.76
C VAL B 78 7.09 -6.78 -18.51
N VAL B 79 5.81 -6.73 -18.18
CA VAL B 79 5.31 -7.43 -17.00
C VAL B 79 4.09 -8.28 -17.40
N GLY B 80 3.85 -9.35 -16.64
CA GLY B 80 2.82 -10.30 -17.02
C GLY B 80 1.54 -10.19 -16.21
N SER B 81 1.53 -9.32 -15.21
CA SER B 81 0.34 -9.12 -14.38
C SER B 81 0.16 -7.65 -14.04
N LEU B 82 -1.09 -7.24 -13.80
CA LEU B 82 -1.38 -5.86 -13.40
C LEU B 82 -0.70 -5.52 -12.08
N GLU B 83 -0.67 -6.50 -11.16
CA GLU B 83 -0.02 -6.33 -9.87
C GLU B 83 1.43 -5.83 -10.03
N GLU B 84 2.16 -6.44 -10.95
CA GLU B 84 3.54 -6.05 -11.19
C GLU B 84 3.62 -4.65 -11.78
N ALA B 85 2.58 -4.29 -12.51
CA ALA B 85 2.60 -3.03 -13.26
C ALA B 85 2.35 -1.79 -12.41
N LEU B 86 1.71 -1.93 -11.24
CA LEU B 86 1.20 -0.76 -10.53
C LEU B 86 1.91 -0.42 -9.22
N THR B 87 3.20 -0.73 -9.11
CA THR B 87 3.89 -0.54 -7.84
C THR B 87 4.41 0.88 -7.61
N SER B 88 4.51 1.68 -8.67
CA SER B 88 4.89 3.08 -8.49
C SER B 88 3.75 3.88 -7.87
N PRO B 89 4.08 4.70 -6.86
CA PRO B 89 3.15 5.55 -6.09
C PRO B 89 2.23 6.38 -6.97
N GLU B 90 2.80 6.97 -8.02
CA GLU B 90 2.00 7.66 -9.03
C GLU B 90 2.20 6.93 -10.35
N THR B 91 1.13 6.31 -10.83
CA THR B 91 1.18 5.52 -12.05
C THR B 91 0.08 6.01 -12.94
N TRP B 92 0.40 6.26 -14.21
CA TRP B 92 -0.61 6.62 -15.20
C TRP B 92 -0.81 5.51 -16.21
N VAL B 93 -2.04 5.00 -16.29
CA VAL B 93 -2.40 3.98 -17.28
C VAL B 93 -2.81 4.70 -18.54
N ILE B 94 -2.13 4.40 -19.65
CA ILE B 94 -2.29 5.21 -20.86
C ILE B 94 -2.93 4.45 -22.03
N GLY B 95 -3.46 3.26 -21.73
CA GLY B 95 -4.26 2.54 -22.72
C GLY B 95 -3.84 1.08 -22.85
N GLY B 96 -4.57 0.26 -23.60
CA GLY B 96 -5.74 0.67 -24.35
C GLY B 96 -7.02 0.22 -23.69
N GLY B 97 -8.02 -0.13 -24.50
CA GLY B 97 -9.33 -0.51 -23.97
C GLY B 97 -9.29 -1.61 -22.91
N GLN B 98 -8.57 -2.69 -23.21
CA GLN B 98 -8.48 -3.80 -22.27
C GLN B 98 -7.84 -3.35 -20.96
N VAL B 99 -6.76 -2.58 -21.06
CA VAL B 99 -6.02 -2.27 -19.84
C VAL B 99 -6.72 -1.21 -19.01
N TYR B 100 -7.43 -0.27 -19.65
CA TYR B 100 -8.28 0.63 -18.88
C TYR B 100 -9.30 -0.14 -18.07
N ALA B 101 -9.92 -1.16 -18.68
CA ALA B 101 -10.91 -1.95 -17.97
C ALA B 101 -10.29 -2.69 -16.78
N LEU B 102 -9.09 -3.23 -17.00
CA LEU B 102 -8.36 -3.96 -15.97
C LEU B 102 -7.97 -3.05 -14.81
N ALA B 103 -7.53 -1.83 -15.12
CA ALA B 103 -6.99 -0.95 -14.10
C ALA B 103 -8.02 -0.06 -13.43
N LEU B 104 -9.20 0.08 -14.04
CA LEU B 104 -10.22 0.97 -13.51
C LEU B 104 -10.52 0.81 -12.01
N PRO B 105 -10.67 -0.44 -11.52
CA PRO B 105 -10.95 -0.52 -10.08
C PRO B 105 -9.82 0.01 -9.17
N TYR B 106 -8.62 0.10 -9.72
CA TYR B 106 -7.45 0.54 -8.96
C TYR B 106 -7.29 2.05 -9.00
N ALA B 107 -8.08 2.68 -9.87
CA ALA B 107 -7.88 4.08 -10.20
C ALA B 107 -8.67 5.03 -9.32
N THR B 108 -8.03 6.14 -8.95
CA THR B 108 -8.67 7.20 -8.19
C THR B 108 -8.62 8.55 -8.92
N ARG B 109 -8.01 8.56 -10.10
CA ARG B 109 -8.06 9.74 -10.95
C ARG B 109 -8.25 9.34 -12.39
N CYS B 110 -9.03 10.11 -13.14
CA CYS B 110 -9.05 10.02 -14.60
C CYS B 110 -8.85 11.40 -15.20
N GLU B 111 -8.03 11.48 -16.25
CA GLU B 111 -7.88 12.69 -17.02
C GLU B 111 -8.36 12.38 -18.42
N VAL B 112 -9.50 12.96 -18.80
CA VAL B 112 -10.17 12.60 -20.03
C VAL B 112 -10.18 13.79 -20.99
N THR B 113 -9.85 13.52 -22.24
CA THR B 113 -10.10 14.49 -23.32
C THR B 113 -11.28 14.02 -24.13
N GLU B 114 -12.28 14.88 -24.30
CA GLU B 114 -13.42 14.54 -25.14
C GLU B 114 -13.25 15.24 -26.46
N VAL B 115 -13.33 14.48 -27.56
CA VAL B 115 -13.15 15.03 -28.90
C VAL B 115 -14.50 15.03 -29.58
N ASP B 116 -14.95 16.22 -30.00
CA ASP B 116 -16.26 16.38 -30.60
C ASP B 116 -16.24 16.03 -32.09
N ILE B 117 -16.11 14.74 -32.36
CA ILE B 117 -16.11 14.23 -33.72
C ILE B 117 -17.20 13.19 -33.88
N GLY B 118 -17.82 13.20 -35.05
CA GLY B 118 -18.84 12.21 -35.36
C GLY B 118 -18.16 10.89 -35.65
N LEU B 119 -18.29 9.96 -34.70
CA LEU B 119 -17.61 8.68 -34.81
C LEU B 119 -18.40 7.60 -34.09
N PRO B 120 -19.55 7.18 -34.65
CA PRO B 120 -20.32 6.17 -33.92
C PRO B 120 -19.56 4.87 -33.73
N ARG B 121 -19.80 4.22 -32.60
CA ARG B 121 -19.14 2.97 -32.27
C ARG B 121 -19.36 1.90 -33.33
N GLU B 122 -18.30 1.16 -33.61
CA GLU B 122 -18.38 -0.03 -34.44
C GLU B 122 -17.86 -1.23 -33.64
N ALA B 123 -18.40 -2.40 -33.93
CA ALA B 123 -18.01 -3.61 -33.24
C ALA B 123 -16.50 -3.83 -33.34
N GLY B 124 -15.86 -4.11 -32.21
CA GLY B 124 -14.43 -4.32 -32.21
C GLY B 124 -13.60 -3.09 -31.88
N ASP B 125 -14.24 -1.92 -31.84
CA ASP B 125 -13.55 -0.70 -31.43
C ASP B 125 -12.94 -0.85 -30.04
N ALA B 126 -11.85 -0.12 -29.80
CA ALA B 126 -11.42 0.07 -28.43
C ALA B 126 -12.25 1.20 -27.84
N LEU B 127 -12.74 1.01 -26.62
CA LEU B 127 -13.66 1.96 -25.99
C LEU B 127 -13.11 2.45 -24.66
N ALA B 128 -13.46 3.69 -24.32
CA ALA B 128 -13.17 4.23 -23.01
C ALA B 128 -13.99 3.50 -21.94
N PRO B 129 -13.45 3.40 -20.72
CA PRO B 129 -14.28 2.88 -19.64
C PRO B 129 -15.38 3.85 -19.26
N VAL B 130 -16.43 3.33 -18.65
CA VAL B 130 -17.53 4.17 -18.20
C VAL B 130 -17.29 4.59 -16.76
N LEU B 131 -17.40 5.88 -16.50
CA LEU B 131 -17.20 6.37 -15.14
C LEU B 131 -18.55 6.49 -14.46
N ASP B 132 -18.71 5.77 -13.35
CA ASP B 132 -19.98 5.72 -12.66
C ASP B 132 -20.05 6.78 -11.56
N GLU B 133 -21.07 6.66 -10.71
CA GLU B 133 -21.36 7.70 -9.73
C GLU B 133 -20.37 7.78 -8.58
N THR B 134 -19.42 6.86 -8.51
CA THR B 134 -18.39 6.96 -7.48
C THR B 134 -17.42 8.11 -7.80
N TRP B 135 -17.42 8.56 -9.06
CA TRP B 135 -16.50 9.59 -9.50
C TRP B 135 -17.10 10.97 -9.37
N ARG B 136 -16.25 11.93 -9.05
CA ARG B 136 -16.62 13.34 -9.06
C ARG B 136 -15.78 14.03 -10.12
N GLY B 137 -16.42 14.83 -10.97
CA GLY B 137 -15.73 15.38 -12.11
C GLY B 137 -15.86 16.87 -12.26
N GLU B 138 -14.83 17.49 -12.82
CA GLU B 138 -14.95 18.87 -13.25
C GLU B 138 -14.77 18.92 -14.76
N THR B 139 -15.65 19.66 -15.40
CA THR B 139 -15.69 19.73 -16.85
C THR B 139 -15.09 21.03 -17.35
N GLY B 140 -14.07 20.92 -18.18
CA GLY B 140 -13.38 22.07 -18.73
C GLY B 140 -14.15 22.74 -19.84
N GLU B 141 -13.77 23.96 -20.17
CA GLU B 141 -14.41 24.70 -21.24
C GLU B 141 -14.01 24.14 -22.60
N TRP B 142 -14.96 24.13 -23.53
CA TRP B 142 -14.66 23.68 -24.89
C TRP B 142 -13.55 24.50 -25.51
N ARG B 143 -12.56 23.81 -26.06
CA ARG B 143 -11.47 24.46 -26.78
C ARG B 143 -11.62 24.11 -28.26
N PHE B 144 -11.15 24.98 -29.16
CA PHE B 144 -11.15 24.66 -30.58
C PHE B 144 -9.71 24.33 -30.99
N SER B 145 -9.51 23.16 -31.58
CA SER B 145 -8.18 22.75 -32.02
C SER B 145 -7.80 23.48 -33.28
N ARG B 146 -6.50 23.62 -33.52
CA ARG B 146 -6.05 24.24 -34.77
C ARG B 146 -6.31 23.29 -35.93
N SER B 147 -6.66 22.05 -35.62
CA SER B 147 -7.18 21.13 -36.61
C SER B 147 -8.66 21.43 -36.90
N GLY B 148 -9.21 22.41 -36.18
CA GLY B 148 -10.62 22.77 -36.32
C GLY B 148 -11.54 21.89 -35.48
N LEU B 149 -10.93 21.04 -34.68
CA LEU B 149 -11.65 20.04 -33.92
C LEU B 149 -12.04 20.59 -32.55
N ARG B 150 -13.29 20.45 -32.15
CA ARG B 150 -13.69 20.91 -30.82
C ARG B 150 -13.32 19.84 -29.79
N TYR B 151 -12.77 20.26 -28.64
CA TYR B 151 -12.40 19.31 -27.58
C TYR B 151 -12.47 19.96 -26.20
N ARG B 152 -12.58 19.14 -25.16
CA ARG B 152 -12.54 19.65 -23.80
C ARG B 152 -11.95 18.62 -22.84
N LEU B 153 -11.42 19.11 -21.72
CA LEU B 153 -10.81 18.24 -20.71
C LEU B 153 -11.69 18.03 -19.48
N TYR B 154 -11.73 16.79 -19.01
CA TYR B 154 -12.34 16.47 -17.73
C TYR B 154 -11.28 16.02 -16.76
N SER B 155 -11.44 16.38 -15.50
CA SER B 155 -10.65 15.79 -14.44
C SER B 155 -11.61 15.08 -13.48
N TYR B 156 -11.42 13.77 -13.33
CA TYR B 156 -12.26 13.00 -12.42
C TYR B 156 -11.45 12.51 -11.23
N HIS B 157 -12.07 12.47 -10.06
CA HIS B 157 -11.41 11.90 -8.90
C HIS B 157 -12.40 11.15 -8.01
N ARG B 158 -11.87 10.18 -7.27
CA ARG B 158 -12.61 9.52 -6.21
C ARG B 158 -11.57 9.13 -5.17
N SER B 159 -11.92 9.14 -3.90
CA SER B 159 -10.88 8.98 -2.86
C SER B 159 -10.96 7.63 -2.15
N MET C 1 -11.70 14.76 24.94
CA MET C 1 -10.94 14.48 26.15
C MET C 1 -9.98 13.33 25.93
N VAL C 2 -8.69 13.59 26.08
CA VAL C 2 -7.69 12.53 26.13
C VAL C 2 -7.18 12.39 27.56
N GLY C 3 -7.26 11.18 28.09
CA GLY C 3 -6.72 10.90 29.42
C GLY C 3 -5.59 9.88 29.35
N LEU C 4 -4.68 9.99 30.30
CA LEU C 4 -3.62 9.00 30.48
C LEU C 4 -3.94 8.23 31.74
N ILE C 5 -3.75 6.91 31.70
CA ILE C 5 -3.91 6.15 32.93
C ILE C 5 -2.71 5.23 33.07
N TRP C 6 -2.08 5.24 34.24
CA TRP C 6 -0.94 4.37 34.49
C TRP C 6 -0.79 4.06 35.96
N ALA C 7 -0.03 3.01 36.24
CA ALA C 7 0.41 2.66 37.58
C ALA C 7 1.93 2.77 37.63
N GLN C 8 2.46 3.44 38.65
CA GLN C 8 3.91 3.59 38.78
C GLN C 8 4.38 3.27 40.18
N ALA C 9 5.61 2.78 40.28
CA ALA C 9 6.32 2.81 41.55
C ALA C 9 6.55 4.28 41.90
N THR C 10 6.79 4.56 43.18
CA THR C 10 7.09 5.94 43.57
C THR C 10 8.23 6.52 42.74
N SER C 11 9.17 5.65 42.36
CA SER C 11 10.35 6.06 41.59
C SER C 11 10.01 6.55 40.18
N GLY C 12 8.84 6.16 39.69
CA GLY C 12 8.42 6.55 38.34
C GLY C 12 8.45 5.37 37.39
N VAL C 13 9.07 4.27 37.80
CA VAL C 13 9.11 3.08 36.96
C VAL C 13 7.70 2.54 36.71
N ILE C 14 7.37 2.31 35.44
CA ILE C 14 6.10 1.68 35.05
C ILE C 14 6.32 0.34 34.36
N GLY C 15 7.55 0.07 33.94
CA GLY C 15 7.82 -1.12 33.15
C GLY C 15 9.29 -1.48 33.12
N ARG C 16 9.58 -2.78 33.08
CA ARG C 16 10.96 -3.26 32.99
C ARG C 16 10.95 -4.65 32.35
N GLY C 17 11.80 -4.86 31.36
CA GLY C 17 11.86 -6.14 30.69
C GLY C 17 10.57 -6.54 29.98
N GLY C 18 9.80 -5.54 29.54
CA GLY C 18 8.56 -5.80 28.82
C GLY C 18 7.40 -6.14 29.74
N ASP C 19 7.62 -6.05 31.04
CA ASP C 19 6.60 -6.41 32.02
C ASP C 19 6.37 -5.27 33.01
N ILE C 20 5.24 -5.34 33.72
CA ILE C 20 4.98 -4.46 34.86
C ILE C 20 5.52 -5.16 36.11
N PRO C 21 6.52 -4.54 36.77
CA PRO C 21 7.29 -5.22 37.81
C PRO C 21 6.61 -5.29 39.18
N TRP C 22 5.31 -5.57 39.19
CA TRP C 22 4.55 -5.88 40.40
C TRP C 22 3.19 -6.43 40.00
N ARG C 23 2.44 -6.93 40.98
CA ARG C 23 1.10 -7.44 40.71
C ARG C 23 0.10 -6.87 41.70
N LEU C 24 -0.81 -6.05 41.21
CA LEU C 24 -1.73 -5.31 42.08
C LEU C 24 -3.15 -5.39 41.53
N PRO C 25 -3.88 -6.48 41.87
CA PRO C 25 -5.24 -6.74 41.41
C PRO C 25 -6.19 -5.57 41.59
N GLU C 26 -6.11 -4.88 42.73
CA GLU C 26 -6.97 -3.75 43.01
C GLU C 26 -6.80 -2.66 41.95
N ASP C 27 -5.58 -2.50 41.46
CA ASP C 27 -5.33 -1.54 40.40
C ASP C 27 -5.96 -1.98 39.09
N GLN C 28 -5.90 -3.27 38.79
CA GLN C 28 -6.53 -3.79 37.59
C GLN C 28 -8.03 -3.48 37.57
N ALA C 29 -8.69 -3.61 38.71
CA ALA C 29 -10.11 -3.30 38.82
C ALA C 29 -10.39 -1.81 38.56
N HIS C 30 -9.51 -0.97 39.09
CA HIS C 30 -9.60 0.48 38.91
C HIS C 30 -9.42 0.86 37.45
N PHE C 31 -8.44 0.21 36.82
CA PHE C 31 -8.14 0.42 35.41
C PHE C 31 -9.37 0.08 34.55
N ARG C 32 -9.98 -1.04 34.86
CA ARG C 32 -11.18 -1.50 34.18
C ARG C 32 -12.31 -0.49 34.33
N GLU C 33 -12.51 0.00 35.56
CA GLU C 33 -13.56 0.96 35.85
C GLU C 33 -13.42 2.25 35.05
N ILE C 34 -12.19 2.72 34.91
CA ILE C 34 -11.97 3.95 34.17
C ILE C 34 -12.14 3.72 32.67
N THR C 35 -11.64 2.60 32.17
CA THR C 35 -11.52 2.44 30.72
C THR C 35 -12.71 1.77 30.04
N MET C 36 -13.53 1.04 30.79
CA MET C 36 -14.59 0.25 30.17
C MET C 36 -15.52 1.08 29.31
N GLY C 37 -15.83 0.56 28.12
CA GLY C 37 -16.75 1.21 27.20
C GLY C 37 -16.13 2.33 26.38
N HIS C 38 -14.83 2.52 26.54
CA HIS C 38 -14.15 3.61 25.83
C HIS C 38 -13.10 3.11 24.83
N THR C 39 -12.61 4.04 24.01
CA THR C 39 -11.44 3.78 23.19
C THR C 39 -10.18 3.82 24.05
N ILE C 40 -9.33 2.81 23.90
CA ILE C 40 -8.01 2.81 24.56
C ILE C 40 -6.93 2.78 23.51
N VAL C 41 -5.86 3.53 23.77
CA VAL C 41 -4.76 3.68 22.84
C VAL C 41 -3.50 3.21 23.51
N MET C 42 -2.71 2.39 22.80
CA MET C 42 -1.47 1.89 23.36
C MET C 42 -0.39 1.72 22.31
N GLY C 43 0.86 1.81 22.75
CA GLY C 43 1.97 1.50 21.86
C GLY C 43 2.05 0.02 21.54
N ARG C 44 2.69 -0.29 20.41
CA ARG C 44 2.80 -1.67 19.99
C ARG C 44 3.45 -2.58 21.04
N ARG C 45 4.45 -2.09 21.76
CA ARG C 45 5.11 -2.93 22.77
C ARG C 45 4.16 -3.24 23.93
N THR C 46 3.28 -2.30 24.26
CA THR C 46 2.30 -2.55 25.31
C THR C 46 1.27 -3.57 24.84
N TRP C 47 0.88 -3.49 23.57
CA TRP C 47 -0.04 -4.49 23.01
C TRP C 47 0.57 -5.89 23.14
N ASP C 48 1.85 -6.02 22.77
CA ASP C 48 2.56 -7.29 22.91
C ASP C 48 2.56 -7.83 24.34
N SER C 49 2.60 -6.94 25.32
CA SER C 49 2.73 -7.36 26.72
C SER C 49 1.43 -7.93 27.28
N LEU C 50 0.31 -7.62 26.63
CA LEU C 50 -0.99 -8.15 27.04
C LEU C 50 -1.02 -9.65 26.89
N PRO C 51 -1.45 -10.36 27.94
CA PRO C 51 -1.68 -11.81 27.80
C PRO C 51 -2.72 -12.06 26.72
N ALA C 52 -2.57 -13.15 25.98
CA ALA C 52 -3.46 -13.47 24.87
C ALA C 52 -4.93 -13.52 25.27
N LYS C 53 -5.20 -13.96 26.49
CA LYS C 53 -6.58 -14.17 26.94
C LYS C 53 -7.35 -12.87 27.09
N VAL C 54 -6.62 -11.76 27.26
CA VAL C 54 -7.22 -10.43 27.38
C VAL C 54 -6.75 -9.50 26.26
N ARG C 55 -6.39 -10.08 25.13
CA ARG C 55 -5.89 -9.33 23.97
C ARG C 55 -6.76 -9.64 22.76
N PRO C 56 -7.62 -8.69 22.34
CA PRO C 56 -7.78 -7.32 22.82
C PRO C 56 -8.50 -7.23 24.16
N LEU C 57 -8.37 -6.10 24.84
CA LEU C 57 -9.10 -5.90 26.10
C LEU C 57 -10.57 -5.76 25.79
N PRO C 58 -11.39 -6.64 26.37
CA PRO C 58 -12.80 -6.65 25.97
C PRO C 58 -13.57 -5.43 26.47
N GLY C 59 -14.61 -5.04 25.73
CA GLY C 59 -15.47 -3.96 26.18
C GLY C 59 -14.90 -2.61 25.89
N ARG C 60 -13.76 -2.61 25.19
CA ARG C 60 -13.03 -1.38 24.88
C ARG C 60 -12.58 -1.45 23.43
N ARG C 61 -12.59 -0.31 22.74
CA ARG C 61 -12.07 -0.26 21.37
C ARG C 61 -10.55 -0.13 21.42
N ASN C 62 -9.84 -1.19 21.05
CA ASN C 62 -8.37 -1.25 21.22
C ASN C 62 -7.67 -0.63 20.02
N VAL C 63 -6.87 0.41 20.26
CA VAL C 63 -6.12 1.08 19.20
C VAL C 63 -4.62 0.94 19.49
N VAL C 64 -3.86 0.48 18.50
CA VAL C 64 -2.44 0.24 18.67
C VAL C 64 -1.62 1.08 17.71
N LEU C 65 -0.65 1.80 18.27
CA LEU C 65 0.27 2.64 17.53
C LEU C 65 1.50 1.84 17.11
N SER C 66 1.76 1.81 15.80
CA SER C 66 2.95 1.18 15.27
C SER C 66 3.41 1.97 14.04
N ARG C 67 4.72 2.02 13.80
CA ARG C 67 5.22 2.67 12.60
C ARG C 67 5.29 1.68 11.45
N GLN C 68 5.02 0.42 11.77
CA GLN C 68 4.92 -0.60 10.75
C GLN C 68 3.50 -0.63 10.18
N ALA C 69 3.32 -0.08 8.99
CA ALA C 69 2.00 -0.09 8.34
C ALA C 69 1.52 -1.52 8.11
N ASP C 70 2.48 -2.44 8.06
CA ASP C 70 2.23 -3.86 7.86
C ASP C 70 1.66 -4.55 9.10
N PHE C 71 1.96 -4.01 10.29
CA PHE C 71 1.63 -4.65 11.56
C PHE C 71 0.13 -4.90 11.72
N MET C 72 -0.23 -6.14 12.02
CA MET C 72 -1.62 -6.51 12.25
C MET C 72 -1.77 -7.15 13.62
N ALA C 73 -2.89 -6.83 14.28
CA ALA C 73 -3.17 -7.30 15.62
C ALA C 73 -4.65 -7.65 15.72
N SER C 74 -4.96 -8.92 15.93
CA SER C 74 -6.35 -9.37 15.93
C SER C 74 -7.16 -8.66 17.00
N GLY C 75 -8.25 -8.00 16.59
CA GLY C 75 -9.10 -7.30 17.53
C GLY C 75 -8.71 -5.87 17.80
N ALA C 76 -7.66 -5.39 17.16
CA ALA C 76 -7.23 -4.02 17.37
C ALA C 76 -7.10 -3.23 16.07
N GLU C 77 -7.32 -1.93 16.20
CA GLU C 77 -7.11 -0.99 15.12
C GLU C 77 -5.66 -0.54 15.13
N VAL C 78 -4.86 -0.98 14.17
CA VAL C 78 -3.48 -0.52 14.07
C VAL C 78 -3.43 0.79 13.31
N VAL C 79 -2.81 1.79 13.92
CA VAL C 79 -2.67 3.11 13.29
C VAL C 79 -1.20 3.54 13.32
N GLY C 80 -0.83 4.42 12.39
CA GLY C 80 0.58 4.78 12.23
C GLY C 80 0.92 6.18 12.72
N SER C 81 -0.08 6.90 13.21
CA SER C 81 0.13 8.24 13.75
C SER C 81 -0.76 8.50 14.96
N LEU C 82 -0.33 9.41 15.82
CA LEU C 82 -1.10 9.74 17.02
C LEU C 82 -2.43 10.39 16.66
N GLU C 83 -2.42 11.26 15.66
CA GLU C 83 -3.63 11.92 15.19
C GLU C 83 -4.73 10.90 14.87
N GLU C 84 -4.33 9.83 14.19
CA GLU C 84 -5.26 8.77 13.82
C GLU C 84 -5.76 8.03 15.06
N ALA C 85 -4.96 8.05 16.12
CA ALA C 85 -5.29 7.29 17.33
C ALA C 85 -6.27 8.01 18.25
N LEU C 86 -6.34 9.34 18.16
CA LEU C 86 -7.07 10.13 19.16
C LEU C 86 -8.39 10.70 18.66
N THR C 87 -9.08 9.99 17.78
CA THR C 87 -10.30 10.51 17.16
C THR C 87 -11.53 10.44 18.07
N SER C 88 -11.55 9.50 19.02
CA SER C 88 -12.69 9.37 19.91
C SER C 88 -12.72 10.45 21.00
N PRO C 89 -13.89 11.06 21.22
CA PRO C 89 -14.14 12.12 22.21
C PRO C 89 -13.60 11.81 23.60
N GLU C 90 -13.77 10.57 24.07
CA GLU C 90 -13.13 10.12 25.30
C GLU C 90 -12.16 9.00 24.97
N THR C 91 -10.87 9.30 25.08
CA THR C 91 -9.84 8.33 24.74
C THR C 91 -8.95 8.18 25.94
N TRP C 92 -8.65 6.94 26.29
CA TRP C 92 -7.70 6.66 27.37
C TRP C 92 -6.43 6.04 26.81
N VAL C 93 -5.31 6.72 27.04
CA VAL C 93 -4.01 6.19 26.67
C VAL C 93 -3.49 5.33 27.80
N ILE C 94 -3.19 4.08 27.50
CA ILE C 94 -2.91 3.11 28.56
C ILE C 94 -1.48 2.58 28.55
N GLY C 95 -0.61 3.24 27.77
CA GLY C 95 0.82 2.95 27.84
C GLY C 95 1.41 2.71 26.46
N GLY C 96 2.72 2.56 26.37
CA GLY C 96 3.63 2.60 27.52
C GLY C 96 4.39 3.90 27.61
N GLY C 97 5.65 3.82 28.02
CA GLY C 97 6.47 5.01 28.22
C GLY C 97 6.52 5.96 27.03
N GLN C 98 6.82 5.44 25.85
CA GLN C 98 6.90 6.27 24.66
C GLN C 98 5.57 6.94 24.36
N VAL C 99 4.49 6.19 24.46
CA VAL C 99 3.21 6.72 24.03
C VAL C 99 2.62 7.70 25.05
N TYR C 100 2.88 7.49 26.35
CA TYR C 100 2.51 8.52 27.33
C TYR C 100 3.22 9.83 27.00
N ALA C 101 4.50 9.75 26.65
CA ALA C 101 5.25 10.95 26.29
C ALA C 101 4.66 11.65 25.08
N LEU C 102 4.33 10.86 24.05
CA LEU C 102 3.74 11.37 22.83
C LEU C 102 2.37 12.01 23.05
N ALA C 103 1.56 11.41 23.92
CA ALA C 103 0.18 11.86 24.10
C ALA C 103 0.00 12.90 25.20
N LEU C 104 1.00 13.06 26.06
CA LEU C 104 0.89 13.98 27.19
C LEU C 104 0.40 15.40 26.82
N PRO C 105 0.94 16.02 25.75
CA PRO C 105 0.45 17.36 25.43
C PRO C 105 -1.04 17.43 25.06
N TYR C 106 -1.62 16.27 24.71
CA TYR C 106 -3.01 16.18 24.26
C TYR C 106 -3.94 15.91 25.42
N ALA C 107 -3.35 15.57 26.56
CA ALA C 107 -4.11 15.07 27.69
C ALA C 107 -4.57 16.17 28.64
N THR C 108 -5.79 16.04 29.13
CA THR C 108 -6.34 16.92 30.15
C THR C 108 -6.76 16.17 31.42
N ARG C 109 -6.59 14.85 31.43
CA ARG C 109 -6.79 14.05 32.65
C ARG C 109 -5.69 13.03 32.76
N CYS C 110 -5.22 12.79 33.99
CA CYS C 110 -4.42 11.59 34.29
C CYS C 110 -5.01 10.88 35.48
N GLU C 111 -5.08 9.55 35.39
CA GLU C 111 -5.48 8.72 36.52
C GLU C 111 -4.28 7.86 36.89
N VAL C 112 -3.69 8.15 38.05
CA VAL C 112 -2.42 7.54 38.40
C VAL C 112 -2.57 6.67 39.63
N THR C 113 -2.02 5.47 39.57
CA THR C 113 -1.83 4.64 40.76
C THR C 113 -0.38 4.68 41.18
N GLU C 114 -0.14 5.04 42.44
CA GLU C 114 1.22 5.00 42.96
C GLU C 114 1.38 3.75 43.80
N VAL C 115 2.42 2.98 43.52
CA VAL C 115 2.70 1.72 44.20
C VAL C 115 3.92 1.92 45.08
N ASP C 116 3.76 1.70 46.38
CA ASP C 116 4.81 1.95 47.35
C ASP C 116 5.78 0.77 47.43
N ILE C 117 6.54 0.57 46.37
CA ILE C 117 7.51 -0.50 46.32
C ILE C 117 8.88 0.09 46.08
N GLY C 118 9.88 -0.53 46.70
CA GLY C 118 11.25 -0.14 46.48
C GLY C 118 11.71 -0.62 45.12
N LEU C 119 11.82 0.30 44.19
CA LEU C 119 12.17 -0.05 42.82
C LEU C 119 12.92 1.10 42.14
N PRO C 120 14.21 1.31 42.51
CA PRO C 120 14.93 2.42 41.89
C PRO C 120 15.04 2.29 40.38
N ARG C 121 14.99 3.42 39.69
CA ARG C 121 15.09 3.45 38.24
C ARG C 121 16.37 2.82 37.74
N GLU C 122 16.25 2.04 36.67
CA GLU C 122 17.40 1.50 35.97
C GLU C 122 17.34 1.98 34.52
N ALA C 123 18.50 2.11 33.89
CA ALA C 123 18.56 2.60 32.52
C ALA C 123 17.75 1.69 31.60
N GLY C 124 16.93 2.30 30.75
CA GLY C 124 16.11 1.53 29.83
C GLY C 124 14.72 1.20 30.33
N ASP C 125 14.44 1.48 31.61
CA ASP C 125 13.11 1.31 32.17
C ASP C 125 12.09 2.10 31.37
N ALA C 126 10.84 1.64 31.39
CA ALA C 126 9.76 2.51 30.93
C ALA C 126 9.35 3.35 32.12
N LEU C 127 9.18 4.65 31.91
CA LEU C 127 8.90 5.59 33.00
C LEU C 127 7.58 6.33 32.78
N ALA C 128 6.96 6.69 33.88
CA ALA C 128 5.79 7.56 33.85
C ALA C 128 6.17 8.97 33.41
N PRO C 129 5.27 9.66 32.72
CA PRO C 129 5.55 11.06 32.42
C PRO C 129 5.52 11.91 33.69
N VAL C 130 6.18 13.06 33.64
CA VAL C 130 6.19 13.98 34.76
C VAL C 130 5.07 14.99 34.60
N LEU C 131 4.25 15.15 35.64
CA LEU C 131 3.18 16.12 35.60
C LEU C 131 3.65 17.43 36.20
N ASP C 132 3.63 18.47 35.38
CA ASP C 132 4.13 19.78 35.80
C ASP C 132 3.02 20.61 36.43
N GLU C 133 3.31 21.89 36.66
CA GLU C 133 2.41 22.75 37.42
C GLU C 133 1.13 23.14 36.67
N THR C 134 1.00 22.76 35.41
CA THR C 134 -0.26 23.00 34.71
C THR C 134 -1.37 22.11 35.26
N TRP C 135 -0.99 21.01 35.91
CA TRP C 135 -1.96 20.05 36.42
C TRP C 135 -2.41 20.39 37.82
N ARG C 136 -3.68 20.09 38.09
CA ARG C 136 -4.25 20.14 39.43
C ARG C 136 -4.55 18.71 39.84
N GLY C 137 -4.14 18.33 41.05
CA GLY C 137 -4.32 16.95 41.47
C GLY C 137 -5.01 16.80 42.80
N GLU C 138 -5.70 15.67 42.95
CA GLU C 138 -6.20 15.29 44.28
C GLU C 138 -5.66 13.91 44.62
N THR C 139 -5.17 13.79 45.84
CA THR C 139 -4.49 12.59 46.28
C THR C 139 -5.39 11.71 47.13
N GLY C 140 -5.54 10.45 46.72
CA GLY C 140 -6.36 9.52 47.46
C GLY C 140 -5.65 8.99 48.69
N GLU C 141 -6.42 8.40 49.60
CA GLU C 141 -5.84 7.85 50.81
C GLU C 141 -5.07 6.58 50.52
N TRP C 142 -4.03 6.32 51.29
CA TRP C 142 -3.23 5.12 51.10
C TRP C 142 -4.06 3.87 51.34
N ARG C 143 -4.18 3.06 50.30
CA ARG C 143 -4.89 1.79 50.40
C ARG C 143 -3.88 0.67 50.62
N PHE C 144 -4.35 -0.45 51.12
CA PHE C 144 -3.46 -1.54 51.47
C PHE C 144 -3.87 -2.76 50.69
N SER C 145 -3.00 -3.20 49.79
CA SER C 145 -3.34 -4.29 48.88
C SER C 145 -3.48 -5.55 49.69
N ARG C 146 -4.53 -6.32 49.40
CA ARG C 146 -4.76 -7.58 50.11
C ARG C 146 -3.55 -8.50 49.91
N SER C 147 -2.75 -8.21 48.89
CA SER C 147 -1.47 -8.86 48.70
C SER C 147 -0.43 -8.34 49.71
N GLY C 148 -0.42 -7.05 49.97
CA GLY C 148 0.51 -6.46 50.93
C GLY C 148 1.18 -5.17 50.51
N LEU C 149 0.88 -4.71 49.30
CA LEU C 149 1.47 -3.47 48.79
C LEU C 149 0.66 -2.25 49.22
N ARG C 150 1.34 -1.20 49.64
CA ARG C 150 0.65 0.06 49.85
C ARG C 150 0.50 0.74 48.49
N TYR C 151 -0.67 1.31 48.24
CA TYR C 151 -0.90 2.03 46.99
C TYR C 151 -1.94 3.12 47.20
N ARG C 152 -1.94 4.12 46.31
CA ARG C 152 -2.93 5.16 46.37
C ARG C 152 -3.23 5.69 44.99
N LEU C 153 -4.43 6.27 44.84
CA LEU C 153 -4.88 6.83 43.57
C LEU C 153 -4.79 8.35 43.51
N TYR C 154 -4.28 8.85 42.39
CA TYR C 154 -4.34 10.29 42.10
C TYR C 154 -5.28 10.53 40.94
N SER C 155 -6.00 11.64 40.99
CA SER C 155 -6.72 12.10 39.83
C SER C 155 -6.19 13.50 39.49
N TYR C 156 -5.72 13.66 38.26
CA TYR C 156 -5.18 14.94 37.82
C TYR C 156 -6.03 15.51 36.68
N HIS C 157 -6.22 16.82 36.70
CA HIS C 157 -6.95 17.51 35.65
C HIS C 157 -6.24 18.79 35.22
N ARG C 158 -6.41 19.16 33.97
CA ARG C 158 -6.08 20.52 33.55
C ARG C 158 -7.08 20.87 32.45
N SER C 159 -7.48 22.14 32.37
CA SER C 159 -8.59 22.52 31.51
C SER C 159 -8.15 23.09 30.16
N MET D 1 13.37 -5.70 -6.37
CA MET D 1 14.26 -4.58 -6.59
C MET D 1 15.37 -4.97 -7.56
N VAL D 2 15.40 -4.31 -8.71
CA VAL D 2 16.55 -4.42 -9.61
C VAL D 2 17.35 -3.13 -9.56
N GLY D 3 18.64 -3.25 -9.28
CA GLY D 3 19.53 -2.11 -9.25
C GLY D 3 20.59 -2.24 -10.32
N LEU D 4 21.04 -1.11 -10.83
CA LEU D 4 22.20 -1.06 -11.71
C LEU D 4 23.38 -0.48 -10.94
N ILE D 5 24.56 -1.04 -11.11
CA ILE D 5 25.75 -0.43 -10.52
C ILE D 5 26.83 -0.36 -11.59
N TRP D 6 27.42 0.82 -11.75
CA TRP D 6 28.51 1.01 -12.72
C TRP D 6 29.45 2.11 -12.32
N ALA D 7 30.62 2.12 -12.94
CA ALA D 7 31.57 3.23 -12.84
C ALA D 7 31.77 3.79 -14.23
N GLN D 8 31.67 5.12 -14.38
CA GLN D 8 31.84 5.76 -15.67
C GLN D 8 32.80 6.93 -15.57
N ALA D 9 33.49 7.20 -16.66
CA ALA D 9 34.13 8.49 -16.84
C ALA D 9 33.02 9.52 -16.93
N THR D 10 33.34 10.79 -16.65
CA THR D 10 32.34 11.85 -16.80
C THR D 10 31.69 11.79 -18.19
N SER D 11 32.46 11.40 -19.19
CA SER D 11 31.97 11.30 -20.57
C SER D 11 30.88 10.26 -20.77
N GLY D 12 30.77 9.31 -19.86
CA GLY D 12 29.81 8.23 -20.00
C GLY D 12 30.46 6.89 -20.36
N VAL D 13 31.73 6.93 -20.75
CA VAL D 13 32.44 5.72 -21.12
C VAL D 13 32.57 4.80 -19.91
N ILE D 14 32.18 3.54 -20.08
CA ILE D 14 32.35 2.53 -19.03
C ILE D 14 33.31 1.42 -19.47
N GLY D 15 33.57 1.35 -20.78
CA GLY D 15 34.37 0.26 -21.30
C GLY D 15 34.92 0.58 -22.67
N ARG D 16 36.12 0.07 -22.94
CA ARG D 16 36.74 0.22 -24.26
C ARG D 16 37.65 -0.99 -24.47
N GLY D 17 37.58 -1.60 -25.65
CA GLY D 17 38.44 -2.73 -25.97
C GLY D 17 38.30 -3.91 -25.02
N GLY D 18 37.13 -4.06 -24.42
CA GLY D 18 36.86 -5.19 -23.55
C GLY D 18 37.31 -5.02 -22.11
N ASP D 19 37.87 -3.86 -21.78
CA ASP D 19 38.33 -3.60 -20.41
C ASP D 19 37.75 -2.28 -19.89
N ILE D 20 37.90 -2.04 -18.59
CA ILE D 20 37.57 -0.77 -17.98
C ILE D 20 38.80 0.13 -18.03
N PRO D 21 38.69 1.31 -18.67
CA PRO D 21 39.85 2.14 -19.03
C PRO D 21 40.45 2.93 -17.87
N TRP D 22 40.43 2.37 -16.67
CA TRP D 22 41.09 2.97 -15.51
C TRP D 22 41.16 1.94 -14.39
N ARG D 23 41.92 2.25 -13.35
CA ARG D 23 41.98 1.40 -12.17
C ARG D 23 41.63 2.24 -10.96
N LEU D 24 40.66 1.78 -10.18
CA LEU D 24 40.15 2.57 -9.06
C LEU D 24 39.76 1.66 -7.91
N PRO D 25 40.75 1.27 -7.09
CA PRO D 25 40.56 0.31 -6.00
C PRO D 25 39.42 0.67 -5.06
N GLU D 26 39.28 1.96 -4.74
CA GLU D 26 38.22 2.41 -3.86
C GLU D 26 36.83 2.09 -4.45
N ASP D 27 36.73 2.14 -5.78
CA ASP D 27 35.46 1.79 -6.43
C ASP D 27 35.19 0.30 -6.31
N GLN D 28 36.22 -0.52 -6.47
CA GLN D 28 36.05 -1.96 -6.33
C GLN D 28 35.52 -2.34 -4.94
N ALA D 29 36.01 -1.66 -3.91
CA ALA D 29 35.53 -1.91 -2.56
C ALA D 29 34.05 -1.53 -2.40
N HIS D 30 33.69 -0.41 -3.01
CA HIS D 30 32.31 0.07 -3.00
C HIS D 30 31.38 -0.90 -3.72
N PHE D 31 31.86 -1.39 -4.86
CA PHE D 31 31.12 -2.36 -5.64
C PHE D 31 30.86 -3.62 -4.83
N ARG D 32 31.88 -4.05 -4.11
CA ARG D 32 31.82 -5.27 -3.31
C ARG D 32 30.80 -5.08 -2.19
N GLU D 33 30.84 -3.90 -1.56
CA GLU D 33 29.92 -3.55 -0.50
C GLU D 33 28.45 -3.60 -0.91
N ILE D 34 28.16 -3.06 -2.10
CA ILE D 34 26.79 -3.05 -2.59
C ILE D 34 26.32 -4.45 -2.97
N THR D 35 27.21 -5.20 -3.61
CA THR D 35 26.77 -6.44 -4.26
C THR D 35 26.88 -7.71 -3.41
N MET D 36 27.71 -7.69 -2.37
CA MET D 36 27.98 -8.90 -1.59
C MET D 36 26.71 -9.54 -1.04
N GLY D 37 26.62 -10.86 -1.19
CA GLY D 37 25.49 -11.61 -0.69
C GLY D 37 24.26 -11.60 -1.58
N HIS D 38 24.35 -10.93 -2.72
CA HIS D 38 23.21 -10.84 -3.63
C HIS D 38 23.43 -11.53 -4.97
N THR D 39 22.36 -11.63 -5.75
CA THR D 39 22.45 -12.05 -7.12
C THR D 39 22.99 -10.91 -7.97
N ILE D 40 23.98 -11.21 -8.80
CA ILE D 40 24.51 -10.24 -9.76
C ILE D 40 24.28 -10.75 -11.17
N VAL D 41 23.89 -9.84 -12.06
CA VAL D 41 23.56 -10.20 -13.44
C VAL D 41 24.48 -9.44 -14.38
N MET D 42 25.05 -10.14 -15.35
CA MET D 42 25.96 -9.50 -16.29
C MET D 42 25.86 -10.08 -17.69
N GLY D 43 26.19 -9.28 -18.69
CA GLY D 43 26.28 -9.79 -20.05
C GLY D 43 27.48 -10.72 -20.22
N ARG D 44 27.40 -11.58 -21.25
CA ARG D 44 28.47 -12.52 -21.52
C ARG D 44 29.84 -11.84 -21.71
N ARG D 45 29.88 -10.70 -22.38
CA ARG D 45 31.14 -10.00 -22.59
C ARG D 45 31.76 -9.53 -21.29
N THR D 46 30.92 -9.11 -20.34
CA THR D 46 31.40 -8.68 -19.03
C THR D 46 31.92 -9.86 -18.24
N TRP D 47 31.21 -10.98 -18.32
CA TRP D 47 31.71 -12.20 -17.71
C TRP D 47 33.10 -12.55 -18.22
N ASP D 48 33.29 -12.50 -19.55
CA ASP D 48 34.60 -12.74 -20.16
C ASP D 48 35.70 -11.80 -19.63
N SER D 49 35.33 -10.57 -19.32
CA SER D 49 36.31 -9.57 -18.91
C SER D 49 36.82 -9.78 -17.49
N LEU D 50 36.07 -10.54 -16.70
CA LEU D 50 36.47 -10.85 -15.34
C LEU D 50 37.75 -11.66 -15.32
N PRO D 51 38.73 -11.24 -14.51
CA PRO D 51 39.92 -12.06 -14.32
C PRO D 51 39.51 -13.42 -13.76
N ALA D 52 40.19 -14.48 -14.19
CA ALA D 52 39.84 -15.85 -13.79
C ALA D 52 39.83 -16.02 -12.27
N LYS D 53 40.69 -15.27 -11.59
CA LYS D 53 40.84 -15.40 -10.14
C LYS D 53 39.60 -14.95 -9.37
N VAL D 54 38.80 -14.06 -9.98
CA VAL D 54 37.56 -13.59 -9.36
C VAL D 54 36.37 -13.93 -10.23
N ARG D 55 36.46 -15.04 -10.94
CA ARG D 55 35.41 -15.50 -11.84
C ARG D 55 35.03 -16.94 -11.50
N PRO D 56 33.85 -17.15 -10.88
CA PRO D 56 32.79 -16.17 -10.56
C PRO D 56 33.16 -15.26 -9.38
N LEU D 57 32.48 -14.12 -9.27
CA LEU D 57 32.69 -13.24 -8.13
C LEU D 57 32.18 -13.94 -6.88
N PRO D 58 33.05 -14.08 -5.87
CA PRO D 58 32.63 -14.90 -4.72
C PRO D 58 31.61 -14.20 -3.85
N GLY D 59 30.79 -14.98 -3.16
CA GLY D 59 29.84 -14.44 -2.21
C GLY D 59 28.64 -13.82 -2.88
N ARG D 60 28.53 -14.05 -4.19
CA ARG D 60 27.43 -13.52 -5.00
C ARG D 60 26.97 -14.60 -5.96
N ARG D 61 25.67 -14.67 -6.23
CA ARG D 61 25.15 -15.62 -7.22
C ARG D 61 25.34 -15.00 -8.62
N ASN D 62 26.26 -15.57 -9.41
CA ASN D 62 26.63 -14.98 -10.70
C ASN D 62 25.69 -15.46 -11.81
N VAL D 63 24.97 -14.53 -12.42
CA VAL D 63 24.08 -14.85 -13.54
C VAL D 63 24.60 -14.18 -14.82
N VAL D 64 24.72 -14.96 -15.89
CA VAL D 64 25.27 -14.47 -17.15
C VAL D 64 24.28 -14.63 -18.29
N LEU D 65 23.98 -13.51 -18.94
CA LEU D 65 23.10 -13.49 -20.10
C LEU D 65 23.87 -13.78 -21.40
N SER D 66 23.41 -14.79 -22.12
CA SER D 66 23.95 -15.13 -23.43
C SER D 66 22.82 -15.63 -24.32
N ARG D 67 22.93 -15.41 -25.62
CA ARG D 67 21.92 -15.94 -26.54
C ARG D 67 22.36 -17.30 -27.03
N GLN D 68 23.57 -17.70 -26.63
CA GLN D 68 24.12 -18.99 -26.99
C GLN D 68 23.73 -20.04 -25.95
N ALA D 69 22.81 -20.91 -26.30
CA ALA D 69 22.41 -21.99 -25.40
C ALA D 69 23.56 -22.98 -25.23
N ASP D 70 24.58 -22.82 -26.06
CA ASP D 70 25.76 -23.66 -26.04
C ASP D 70 26.82 -23.10 -25.09
N PHE D 71 26.48 -22.02 -24.38
CA PHE D 71 27.46 -21.34 -23.53
C PHE D 71 27.37 -21.79 -22.08
N MET D 72 28.50 -22.27 -21.56
CA MET D 72 28.62 -22.69 -20.17
C MET D 72 29.80 -21.97 -19.54
N ALA D 73 29.69 -21.68 -18.26
CA ALA D 73 30.71 -20.92 -17.56
C ALA D 73 30.74 -21.35 -16.11
N SER D 74 31.88 -21.87 -15.66
CA SER D 74 31.97 -22.44 -14.33
C SER D 74 31.64 -21.41 -13.25
N GLY D 75 30.68 -21.75 -12.40
CA GLY D 75 30.30 -20.88 -11.30
C GLY D 75 29.20 -19.90 -11.64
N ALA D 76 28.73 -19.92 -12.88
CA ALA D 76 27.70 -18.99 -13.30
C ALA D 76 26.46 -19.68 -13.81
N GLU D 77 25.32 -19.06 -13.56
CA GLU D 77 24.06 -19.49 -14.13
C GLU D 77 23.89 -18.81 -15.47
N VAL D 78 24.03 -19.56 -16.57
CA VAL D 78 23.85 -18.98 -17.89
C VAL D 78 22.36 -19.01 -18.24
N VAL D 79 21.82 -17.83 -18.58
CA VAL D 79 20.41 -17.71 -18.96
C VAL D 79 20.31 -17.02 -20.31
N GLY D 80 19.24 -17.31 -21.05
CA GLY D 80 19.06 -16.79 -22.40
C GLY D 80 18.08 -15.62 -22.52
N SER D 81 17.49 -15.21 -21.40
CA SER D 81 16.55 -14.09 -21.40
C SER D 81 16.63 -13.27 -20.12
N LEU D 82 16.32 -11.98 -20.23
CA LEU D 82 16.37 -11.08 -19.08
C LEU D 82 15.38 -11.52 -18.01
N GLU D 83 14.19 -11.94 -18.46
CA GLU D 83 13.18 -12.51 -17.57
C GLU D 83 13.77 -13.57 -16.64
N GLU D 84 14.55 -14.49 -17.22
CA GLU D 84 15.18 -15.55 -16.46
C GLU D 84 16.25 -15.01 -15.51
N ALA D 85 16.87 -13.89 -15.89
CA ALA D 85 17.97 -13.33 -15.11
C ALA D 85 17.52 -12.54 -13.89
N LEU D 86 16.29 -12.02 -13.89
CA LEU D 86 15.87 -11.11 -12.83
C LEU D 86 14.92 -11.70 -11.77
N THR D 87 15.04 -12.99 -11.49
CA THR D 87 14.10 -13.63 -10.57
C THR D 87 14.33 -13.26 -9.10
N SER D 88 15.57 -12.97 -8.71
CA SER D 88 15.84 -12.64 -7.30
C SER D 88 15.30 -11.26 -6.89
N PRO D 89 14.65 -11.20 -5.71
CA PRO D 89 14.12 -9.99 -5.06
C PRO D 89 15.09 -8.80 -5.07
N GLU D 90 16.35 -9.05 -4.73
CA GLU D 90 17.38 -8.02 -4.85
C GLU D 90 18.42 -8.48 -5.86
N THR D 91 18.44 -7.82 -7.01
CA THR D 91 19.34 -8.18 -8.09
C THR D 91 20.13 -6.97 -8.48
N TRP D 92 21.44 -7.12 -8.61
CA TRP D 92 22.31 -6.05 -9.09
C TRP D 92 22.84 -6.38 -10.46
N VAL D 93 22.53 -5.52 -11.43
CA VAL D 93 23.05 -5.66 -12.77
C VAL D 93 24.39 -4.94 -12.83
N ILE D 94 25.44 -5.67 -13.22
CA ILE D 94 26.79 -5.13 -13.08
C ILE D 94 27.50 -4.91 -14.42
N GLY D 95 26.74 -4.95 -15.51
CA GLY D 95 27.28 -4.60 -16.82
C GLY D 95 27.01 -5.65 -17.88
N GLY D 96 27.34 -5.36 -19.13
CA GLY D 96 27.96 -4.10 -19.54
C GLY D 96 26.96 -3.18 -20.22
N GLY D 97 27.41 -2.44 -21.24
CA GLY D 97 26.58 -1.48 -21.92
C GLY D 97 25.25 -2.01 -22.43
N GLN D 98 25.29 -3.15 -23.11
CA GLN D 98 24.05 -3.74 -23.63
C GLN D 98 23.11 -4.11 -22.51
N VAL D 99 23.64 -4.73 -21.46
CA VAL D 99 22.75 -5.25 -20.45
C VAL D 99 22.20 -4.14 -19.53
N TYR D 100 22.97 -3.08 -19.29
CA TYR D 100 22.42 -1.91 -18.60
C TYR D 100 21.21 -1.36 -19.37
N ALA D 101 21.34 -1.28 -20.69
CA ALA D 101 20.24 -0.77 -21.50
C ALA D 101 19.03 -1.67 -21.43
N LEU D 102 19.26 -2.98 -21.51
CA LEU D 102 18.20 -3.98 -21.43
C LEU D 102 17.48 -3.94 -20.08
N ALA D 103 18.23 -3.73 -18.99
CA ALA D 103 17.66 -3.84 -17.66
C ALA D 103 17.15 -2.52 -17.09
N LEU D 104 17.55 -1.41 -17.69
CA LEU D 104 17.18 -0.09 -17.16
C LEU D 104 15.68 0.08 -16.85
N PRO D 105 14.77 -0.34 -17.76
CA PRO D 105 13.35 -0.14 -17.43
C PRO D 105 12.87 -0.90 -16.18
N TYR D 106 13.60 -1.95 -15.82
CA TYR D 106 13.28 -2.79 -14.68
C TYR D 106 13.85 -2.24 -13.37
N ALA D 107 14.75 -1.28 -13.49
CA ALA D 107 15.52 -0.79 -12.35
C ALA D 107 14.85 0.35 -11.59
N THR D 108 14.99 0.30 -10.27
CA THR D 108 14.54 1.36 -9.37
C THR D 108 15.68 1.92 -8.50
N ARG D 109 16.89 1.38 -8.67
CA ARG D 109 18.07 1.96 -8.04
C ARG D 109 19.23 1.94 -9.02
N CYS D 110 20.04 3.00 -8.98
CA CYS D 110 21.38 2.98 -9.60
C CYS D 110 22.40 3.45 -8.60
N GLU D 111 23.53 2.75 -8.55
CA GLU D 111 24.67 3.17 -7.75
C GLU D 111 25.80 3.47 -8.73
N VAL D 112 26.12 4.75 -8.88
CA VAL D 112 27.03 5.20 -9.90
C VAL D 112 28.31 5.77 -9.29
N THR D 113 29.45 5.34 -9.83
CA THR D 113 30.71 6.02 -9.56
C THR D 113 31.11 6.87 -10.77
N GLU D 114 31.38 8.15 -10.52
CA GLU D 114 31.86 9.03 -11.57
C GLU D 114 33.36 9.20 -11.41
N VAL D 115 34.11 8.94 -12.46
CA VAL D 115 35.57 9.04 -12.46
C VAL D 115 35.98 10.26 -13.26
N ASP D 116 36.71 11.18 -12.63
CA ASP D 116 37.06 12.45 -13.25
C ASP D 116 38.33 12.30 -14.11
N ILE D 117 38.17 11.60 -15.23
CA ILE D 117 39.28 11.36 -16.12
C ILE D 117 38.93 11.84 -17.51
N GLY D 118 39.92 12.40 -18.19
CA GLY D 118 39.72 12.86 -19.55
C GLY D 118 39.65 11.68 -20.49
N LEU D 119 38.44 11.34 -20.92
CA LEU D 119 38.23 10.17 -21.75
C LEU D 119 37.05 10.38 -22.70
N PRO D 120 37.24 11.20 -23.75
CA PRO D 120 36.13 11.43 -24.68
C PRO D 120 35.65 10.16 -25.33
N ARG D 121 34.35 10.07 -25.55
CA ARG D 121 33.75 8.91 -26.19
C ARG D 121 34.35 8.63 -27.56
N GLU D 122 34.57 7.36 -27.84
CA GLU D 122 34.92 6.89 -29.18
C GLU D 122 33.88 5.88 -29.65
N ALA D 123 33.68 5.81 -30.96
CA ALA D 123 32.69 4.90 -31.54
C ALA D 123 32.98 3.46 -31.12
N GLY D 124 31.95 2.75 -30.68
CA GLY D 124 32.10 1.36 -30.24
C GLY D 124 32.34 1.20 -28.75
N ASP D 125 32.57 2.31 -28.04
CA ASP D 125 32.72 2.27 -26.60
C ASP D 125 31.50 1.66 -25.94
N ALA D 126 31.70 1.04 -24.79
CA ALA D 126 30.55 0.71 -23.95
C ALA D 126 30.24 1.94 -23.12
N LEU D 127 28.96 2.30 -23.06
CA LEU D 127 28.53 3.53 -22.42
C LEU D 127 27.56 3.27 -21.28
N ALA D 128 27.57 4.15 -20.29
CA ALA D 128 26.57 4.11 -19.24
C ALA D 128 25.20 4.51 -19.79
N PRO D 129 24.15 3.97 -19.18
CA PRO D 129 22.82 4.47 -19.57
C PRO D 129 22.58 5.88 -19.06
N VAL D 130 21.68 6.62 -19.72
CA VAL D 130 21.38 7.97 -19.27
C VAL D 130 20.17 7.91 -18.33
N LEU D 131 20.30 8.59 -17.20
CA LEU D 131 19.22 8.61 -16.23
C LEU D 131 18.36 9.85 -16.45
N ASP D 132 17.10 9.62 -16.73
CA ASP D 132 16.20 10.72 -17.05
C ASP D 132 15.52 11.27 -15.80
N GLU D 133 14.50 12.09 -16.03
N GLU D 133 14.50 12.10 -16.01
CA GLU D 133 13.85 12.84 -14.96
CA GLU D 133 13.88 12.84 -14.91
C GLU D 133 13.05 11.97 -13.98
C GLU D 133 12.97 11.99 -14.02
N THR D 134 12.84 10.71 -14.32
CA THR D 134 12.09 9.82 -13.42
C THR D 134 12.92 9.48 -12.19
N TRP D 135 14.22 9.71 -12.27
CA TRP D 135 15.14 9.36 -11.18
C TRP D 135 15.34 10.52 -10.21
N ARG D 136 15.49 10.17 -8.95
CA ARG D 136 15.89 11.09 -7.89
C ARG D 136 17.30 10.70 -7.45
N GLY D 137 18.20 11.68 -7.36
CA GLY D 137 19.59 11.37 -7.08
C GLY D 137 20.18 12.13 -5.93
N GLU D 138 21.15 11.53 -5.28
CA GLU D 138 21.97 12.21 -4.28
C GLU D 138 23.42 12.14 -4.75
N THR D 139 24.07 13.30 -4.77
CA THR D 139 25.46 13.39 -5.22
C THR D 139 26.42 13.46 -4.04
N GLY D 140 27.34 12.50 -3.96
CA GLY D 140 28.30 12.44 -2.88
C GLY D 140 29.44 13.42 -3.08
N GLU D 141 30.23 13.62 -2.04
CA GLU D 141 31.36 14.53 -2.13
C GLU D 141 32.50 13.94 -2.94
N TRP D 142 33.22 14.77 -3.66
CA TRP D 142 34.37 14.28 -4.41
C TRP D 142 35.40 13.67 -3.49
N ARG D 143 35.74 12.41 -3.74
N ARG D 143 35.74 12.41 -3.74
CA ARG D 143 36.79 11.71 -3.01
CA ARG D 143 36.81 11.74 -3.01
C ARG D 143 38.05 11.69 -3.88
C ARG D 143 38.06 11.74 -3.88
N PHE D 144 39.20 11.46 -3.27
CA PHE D 144 40.46 11.53 -3.99
C PHE D 144 41.15 10.19 -3.86
N SER D 145 41.39 9.54 -4.99
CA SER D 145 41.88 8.17 -4.96
C SER D 145 43.37 8.16 -4.70
N ARG D 146 43.86 7.07 -4.10
CA ARG D 146 45.30 6.90 -3.93
C ARG D 146 45.92 6.79 -5.33
N SER D 147 45.08 6.40 -6.30
CA SER D 147 45.40 6.47 -7.72
C SER D 147 45.63 7.92 -8.21
N GLY D 148 45.21 8.90 -7.42
CA GLY D 148 45.30 10.30 -7.83
C GLY D 148 44.08 10.76 -8.61
N LEU D 149 43.21 9.81 -8.97
CA LEU D 149 41.99 10.12 -9.69
C LEU D 149 40.92 10.66 -8.75
N ARG D 150 40.28 11.73 -9.18
CA ARG D 150 39.13 12.26 -8.49
C ARG D 150 37.90 11.41 -8.85
N TYR D 151 37.08 11.09 -7.86
CA TYR D 151 35.86 10.31 -8.12
C TYR D 151 34.78 10.66 -7.10
N ARG D 152 33.53 10.39 -7.45
CA ARG D 152 32.44 10.54 -6.50
C ARG D 152 31.32 9.54 -6.75
N LEU D 153 30.51 9.31 -5.71
CA LEU D 153 29.41 8.36 -5.76
C LEU D 153 28.05 9.04 -5.85
N TYR D 154 27.22 8.54 -6.77
CA TYR D 154 25.81 8.92 -6.83
C TYR D 154 24.94 7.74 -6.38
N SER D 155 23.85 8.05 -5.69
CA SER D 155 22.83 7.04 -5.45
C SER D 155 21.54 7.54 -6.05
N TYR D 156 20.97 6.79 -6.99
CA TYR D 156 19.73 7.18 -7.64
C TYR D 156 18.59 6.23 -7.26
N HIS D 157 17.39 6.77 -7.11
CA HIS D 157 16.21 5.96 -6.79
C HIS D 157 15.02 6.41 -7.61
N ARG D 158 14.11 5.49 -7.87
CA ARG D 158 12.79 5.86 -8.35
C ARG D 158 11.86 4.77 -7.82
N SER D 159 10.63 5.15 -7.45
CA SER D 159 9.73 4.21 -6.78
C SER D 159 8.74 3.56 -7.75
#